data_5Z7R
#
_entry.id   5Z7R
#
_cell.length_a   78.673
_cell.length_b   78.673
_cell.length_c   210.703
_cell.angle_alpha   90.000
_cell.angle_beta   90.000
_cell.angle_gamma   120.000
#
_symmetry.space_group_name_H-M   'P 32 1 2'
#
loop_
_entity.id
_entity.type
_entity.pdbx_description
1 polymer 'Short-chain-enoyl-CoA hydratase'
2 water water
#
_entity_poly.entity_id   1
_entity_poly.type   'polypeptide(L)'
_entity_poly.pdbx_seq_one_letter_code
;MELNNVILEKEGKVAVVTINRPKALNALNSDTLKEMDYVIGEIENDSEVLAVILTGAGEKSFVAGADISEMKEMNTIEGR
KFGILGNKVFRRLELLEKPVIAAVNGFALGGGCEIAMSCDIRIASSNARFGQPEVGLGITPGFGGTQRLSRLVGMGMAKQ
LIFTAQNIKADEALRIGLVNKVVEPSELMNTAKEIANKIVSNAPVAVKLSKQAINRGMQCDIDTALAFESEAFGECFSTE
DQKDAMTAFIEKRKIEGFKNRHHHHHH
;
_entity_poly.pdbx_strand_id   A,B,C
#
# COMPACT_ATOMS: atom_id res chain seq x y z
N MET A 1 3.81 3.77 -39.88
CA MET A 1 5.11 3.22 -39.38
C MET A 1 5.13 1.70 -39.51
N GLU A 2 6.32 1.14 -39.75
CA GLU A 2 6.48 -0.30 -39.90
C GLU A 2 7.46 -0.76 -38.82
N LEU A 3 7.19 -1.92 -38.22
CA LEU A 3 7.72 -2.28 -36.90
C LEU A 3 8.71 -3.41 -36.96
N ASN A 4 9.90 -3.25 -36.40
CA ASN A 4 10.83 -4.40 -36.34
C ASN A 4 11.48 -4.66 -34.98
N ASN A 5 10.90 -4.09 -33.92
CA ASN A 5 11.21 -4.49 -32.54
C ASN A 5 9.95 -4.99 -31.77
N VAL A 6 8.78 -4.74 -32.34
CA VAL A 6 7.49 -4.98 -31.68
C VAL A 6 6.44 -5.59 -32.61
N ILE A 7 5.91 -6.73 -32.23
CA ILE A 7 4.85 -7.36 -32.99
C ILE A 7 3.49 -6.99 -32.42
N LEU A 8 2.51 -6.75 -33.26
CA LEU A 8 1.16 -6.49 -32.78
C LEU A 8 0.10 -7.36 -33.45
N GLU A 9 -0.68 -8.10 -32.65
CA GLU A 9 -1.69 -9.06 -33.14
C GLU A 9 -3.03 -8.89 -32.45
N LYS A 10 -4.11 -9.23 -33.14
CA LYS A 10 -5.47 -8.96 -32.69
C LYS A 10 -6.26 -10.26 -32.79
N GLU A 11 -6.72 -10.78 -31.65
CA GLU A 11 -7.38 -12.06 -31.53
C GLU A 11 -8.80 -11.85 -31.02
N GLY A 12 -9.73 -11.59 -31.94
CA GLY A 12 -11.10 -11.27 -31.57
C GLY A 12 -11.19 -9.87 -30.99
N LYS A 13 -11.11 -9.77 -29.67
CA LYS A 13 -11.16 -8.47 -29.03
C LYS A 13 -9.93 -8.20 -28.16
N VAL A 14 -8.90 -9.03 -28.26
CA VAL A 14 -7.68 -8.77 -27.49
C VAL A 14 -6.45 -8.62 -28.35
N ALA A 15 -5.60 -7.66 -28.03
CA ALA A 15 -4.38 -7.49 -28.74
C ALA A 15 -3.22 -7.94 -27.92
N VAL A 16 -2.33 -8.72 -28.53
CA VAL A 16 -1.12 -9.15 -27.90
C VAL A 16 0.02 -8.34 -28.48
N VAL A 17 0.83 -7.77 -27.62
CA VAL A 17 1.92 -6.96 -28.06
C VAL A 17 3.09 -7.67 -27.51
N THR A 18 4.07 -7.91 -28.36
CA THR A 18 5.22 -8.70 -27.96
C THR A 18 6.43 -7.94 -28.34
N ILE A 19 7.28 -7.66 -27.36
CA ILE A 19 8.55 -7.06 -27.68
C ILE A 19 9.47 -8.18 -28.11
N ASN A 20 10.11 -7.97 -29.27
CA ASN A 20 10.82 -9.03 -29.98
C ASN A 20 12.21 -8.59 -30.42
N ARG A 21 13.15 -8.56 -29.49
CA ARG A 21 14.58 -8.41 -29.80
C ARG A 21 15.34 -9.55 -29.15
N PRO A 22 15.13 -10.78 -29.68
CA PRO A 22 15.56 -12.06 -29.10
C PRO A 22 17.00 -12.05 -28.70
N LYS A 23 17.86 -11.51 -29.57
CA LYS A 23 19.28 -11.46 -29.31
C LYS A 23 19.65 -10.41 -28.28
N ALA A 24 18.80 -9.39 -28.12
CA ALA A 24 19.03 -8.33 -27.13
C ALA A 24 18.27 -8.60 -25.83
N LEU A 25 17.63 -9.76 -25.72
CA LEU A 25 16.90 -10.11 -24.53
C LEU A 25 15.69 -9.18 -24.40
N ASN A 26 15.11 -8.83 -25.54
CA ASN A 26 14.02 -7.87 -25.63
C ASN A 26 14.25 -6.50 -24.97
N ALA A 27 15.51 -6.07 -24.88
CA ALA A 27 15.85 -4.77 -24.25
C ALA A 27 15.23 -3.58 -24.98
N LEU A 28 15.04 -2.51 -24.20
CA LEU A 28 14.45 -1.28 -24.69
C LEU A 28 15.52 -0.31 -25.15
N ASN A 29 15.33 0.21 -26.35
CA ASN A 29 16.12 1.33 -26.84
C ASN A 29 15.12 2.31 -27.43
N SER A 30 15.62 3.46 -27.89
CA SER A 30 14.74 4.54 -28.39
C SER A 30 13.80 4.07 -29.51
N ASP A 31 14.30 3.26 -30.46
CA ASP A 31 13.44 2.79 -31.57
C ASP A 31 12.31 1.95 -31.00
N THR A 32 12.62 1.15 -29.98
CA THR A 32 11.63 0.29 -29.35
C THR A 32 10.55 1.12 -28.62
N LEU A 33 10.99 2.09 -27.83
CA LEU A 33 10.06 2.97 -27.15
C LEU A 33 9.17 3.69 -28.15
N LYS A 34 9.81 4.17 -29.23
CA LYS A 34 9.09 4.86 -30.28
C LYS A 34 8.02 3.97 -30.91
N GLU A 35 8.40 2.75 -31.29
CA GLU A 35 7.44 1.80 -31.84
C GLU A 35 6.31 1.46 -30.84
N MET A 36 6.66 1.41 -29.55
CA MET A 36 5.70 1.07 -28.50
C MET A 36 4.61 2.13 -28.45
N ASP A 37 5.06 3.38 -28.52
CA ASP A 37 4.15 4.52 -28.51
C ASP A 37 3.24 4.49 -29.73
N TYR A 38 3.82 4.12 -30.86
CA TYR A 38 3.04 3.96 -32.06
C TYR A 38 2.00 2.85 -31.88
N VAL A 39 2.42 1.69 -31.31
CA VAL A 39 1.43 0.59 -31.24
C VAL A 39 0.41 0.94 -30.20
N ILE A 40 0.83 1.61 -29.12
CA ILE A 40 -0.14 2.04 -28.13
C ILE A 40 -1.17 2.92 -28.83
N GLY A 41 -0.70 3.90 -29.59
CA GLY A 41 -1.63 4.79 -30.31
C GLY A 41 -2.51 4.04 -31.28
N GLU A 42 -1.91 3.03 -31.92
CA GLU A 42 -2.68 2.10 -32.77
C GLU A 42 -3.76 1.38 -31.97
N ILE A 43 -3.43 0.86 -30.77
CA ILE A 43 -4.48 0.18 -29.98
C ILE A 43 -5.52 1.19 -29.50
N GLU A 44 -5.05 2.40 -29.19
CA GLU A 44 -5.97 3.47 -28.79
C GLU A 44 -7.13 3.64 -29.78
N ASN A 45 -6.84 3.65 -31.09
CA ASN A 45 -7.90 3.92 -32.09
C ASN A 45 -8.73 2.70 -32.46
N ASP A 46 -8.26 1.51 -32.07
CA ASP A 46 -8.97 0.27 -32.41
C ASP A 46 -9.99 -0.16 -31.37
N SER A 47 -11.25 0.16 -31.60
CA SER A 47 -12.30 -0.10 -30.63
C SER A 47 -12.73 -1.58 -30.62
N GLU A 48 -12.24 -2.37 -31.58
CA GLU A 48 -12.42 -3.82 -31.52
C GLU A 48 -11.49 -4.43 -30.46
N VAL A 49 -10.39 -3.75 -30.17
CA VAL A 49 -9.47 -4.13 -29.07
C VAL A 49 -9.97 -3.64 -27.72
N LEU A 50 -10.31 -4.57 -26.83
CA LEU A 50 -10.82 -4.25 -25.50
C LEU A 50 -9.89 -4.73 -24.39
N ALA A 51 -8.79 -5.37 -24.74
CA ALA A 51 -7.78 -5.64 -23.75
C ALA A 51 -6.46 -5.89 -24.43
N VAL A 52 -5.38 -5.79 -23.67
CA VAL A 52 -4.05 -5.91 -24.21
C VAL A 52 -3.24 -6.83 -23.33
N ILE A 53 -2.39 -7.63 -23.95
CA ILE A 53 -1.45 -8.44 -23.27
C ILE A 53 -0.10 -8.05 -23.80
N LEU A 54 0.80 -7.80 -22.89
CA LEU A 54 2.11 -7.41 -23.23
C LEU A 54 2.95 -8.53 -22.84
N THR A 55 3.80 -8.97 -23.74
CA THR A 55 4.85 -9.88 -23.31
C THR A 55 6.09 -9.69 -24.14
N GLY A 56 7.12 -10.42 -23.75
CA GLY A 56 8.36 -10.52 -24.52
C GLY A 56 8.38 -11.79 -25.37
N ALA A 57 9.47 -11.98 -26.10
CA ALA A 57 9.61 -13.11 -27.02
C ALA A 57 10.65 -14.11 -26.54
N GLY A 58 10.40 -15.37 -26.91
CA GLY A 58 11.25 -16.45 -26.48
C GLY A 58 10.93 -16.77 -25.05
N GLU A 59 11.82 -17.55 -24.47
CA GLU A 59 11.62 -18.16 -23.16
C GLU A 59 12.64 -17.69 -22.16
N LYS A 60 13.56 -16.82 -22.54
CA LYS A 60 14.48 -16.31 -21.55
C LYS A 60 14.01 -14.95 -20.96
N SER A 61 13.42 -14.07 -21.78
CA SER A 61 13.22 -12.66 -21.37
C SER A 61 11.88 -12.07 -21.63
N PHE A 62 11.43 -11.31 -20.63
CA PHE A 62 10.35 -10.36 -20.83
C PHE A 62 10.96 -9.13 -21.52
N VAL A 63 11.61 -8.30 -20.74
CA VAL A 63 12.43 -7.24 -21.24
C VAL A 63 13.62 -7.16 -20.30
N ALA A 64 14.81 -7.41 -20.80
CA ALA A 64 16.00 -7.26 -20.00
C ALA A 64 16.63 -5.90 -20.14
N GLY A 65 16.16 -4.92 -19.40
CA GLY A 65 16.80 -3.63 -19.36
C GLY A 65 16.64 -2.69 -20.55
N ALA A 66 17.54 -1.72 -20.61
CA ALA A 66 17.58 -0.80 -21.72
C ALA A 66 19.02 -0.69 -22.22
N ASP A 67 19.16 -0.35 -23.49
CA ASP A 67 20.46 -0.20 -24.15
C ASP A 67 21.32 0.89 -23.48
N ILE A 68 22.39 0.45 -22.85
CA ILE A 68 23.32 1.33 -22.14
C ILE A 68 24.25 2.10 -23.09
N SER A 69 24.35 1.67 -24.35
CA SER A 69 25.14 2.38 -25.35
C SER A 69 24.52 3.70 -25.70
N GLU A 70 23.19 3.74 -25.73
CA GLU A 70 22.54 4.98 -26.08
C GLU A 70 22.75 5.98 -24.96
N MET A 71 22.98 5.47 -23.75
CA MET A 71 22.98 6.29 -22.52
C MET A 71 24.34 6.79 -22.03
N LYS A 72 25.39 6.00 -22.26
CA LYS A 72 26.69 6.23 -21.65
C LYS A 72 27.27 7.64 -21.72
N GLU A 73 26.96 8.35 -22.80
CA GLU A 73 27.59 9.66 -23.06
C GLU A 73 26.61 10.78 -22.90
N MET A 74 25.38 10.46 -22.50
CA MET A 74 24.40 11.52 -22.25
C MET A 74 24.84 12.43 -21.13
N ASN A 75 24.44 13.68 -21.23
CA ASN A 75 24.72 14.59 -20.15
C ASN A 75 23.41 14.91 -19.42
N THR A 76 23.53 15.75 -18.40
CA THR A 76 22.45 16.08 -17.49
C THR A 76 21.17 16.40 -18.22
N ILE A 77 21.22 17.32 -19.18
CA ILE A 77 20.02 17.74 -19.89
C ILE A 77 19.45 16.68 -20.88
N GLU A 78 20.31 15.85 -21.39
CA GLU A 78 19.90 14.82 -22.28
C GLU A 78 19.37 13.63 -21.45
N GLY A 79 20.06 13.28 -20.36
CA GLY A 79 19.57 12.31 -19.39
C GLY A 79 18.11 12.61 -19.09
N ARG A 80 17.91 13.80 -18.54
CA ARG A 80 16.58 14.27 -18.22
C ARG A 80 15.61 14.00 -19.36
N LYS A 81 15.97 14.36 -20.61
CA LYS A 81 15.04 14.25 -21.74
C LYS A 81 14.71 12.79 -21.98
N PHE A 82 15.72 11.93 -21.95
CA PHE A 82 15.51 10.49 -22.07
C PHE A 82 14.45 10.02 -21.05
N GLY A 83 14.71 10.31 -19.77
CA GLY A 83 13.78 9.97 -18.68
C GLY A 83 12.37 10.36 -18.97
N ILE A 84 12.16 11.60 -19.41
CA ILE A 84 10.82 12.11 -19.69
C ILE A 84 10.18 11.33 -20.84
N LEU A 85 10.96 11.00 -21.86
CA LEU A 85 10.38 10.36 -23.05
C LEU A 85 9.95 8.92 -22.77
N GLY A 86 10.82 8.18 -22.07
CA GLY A 86 10.45 6.84 -21.62
C GLY A 86 9.17 6.89 -20.81
N ASN A 87 9.23 7.62 -19.69
CA ASN A 87 8.06 7.84 -18.82
C ASN A 87 6.79 8.27 -19.56
N LYS A 88 6.98 9.10 -20.57
CA LYS A 88 5.84 9.52 -21.34
C LYS A 88 5.22 8.31 -22.06
N VAL A 89 6.07 7.42 -22.58
CA VAL A 89 5.57 6.23 -23.26
C VAL A 89 4.87 5.30 -22.24
N PHE A 90 5.56 5.00 -21.16
CA PHE A 90 4.99 4.15 -20.09
C PHE A 90 3.73 4.70 -19.42
N ARG A 91 3.65 6.02 -19.23
CA ARG A 91 2.47 6.65 -18.66
C ARG A 91 1.29 6.52 -19.59
N ARG A 92 1.55 6.53 -20.90
CA ARG A 92 0.47 6.41 -21.89
C ARG A 92 -0.13 5.02 -21.83
N LEU A 93 0.73 4.03 -21.64
CA LEU A 93 0.33 2.66 -21.45
C LEU A 93 -0.52 2.50 -20.16
N GLU A 94 -0.06 3.14 -19.08
CA GLU A 94 -0.75 3.05 -17.78
C GLU A 94 -2.14 3.60 -17.88
N LEU A 95 -2.30 4.69 -18.65
CA LEU A 95 -3.60 5.38 -18.75
C LEU A 95 -4.48 4.84 -19.85
N LEU A 96 -3.86 4.09 -20.77
CA LEU A 96 -4.60 3.51 -21.91
C LEU A 96 -5.96 3.01 -21.48
N GLU A 97 -6.98 3.43 -22.18
CA GLU A 97 -8.34 3.09 -21.78
C GLU A 97 -8.81 1.65 -22.05
N LYS A 98 -7.93 0.75 -22.45
CA LYS A 98 -8.19 -0.68 -22.31
C LYS A 98 -7.23 -1.25 -21.27
N PRO A 99 -7.64 -2.28 -20.52
CA PRO A 99 -6.81 -2.94 -19.55
C PRO A 99 -5.61 -3.61 -20.18
N VAL A 100 -4.44 -3.52 -19.55
CA VAL A 100 -3.31 -4.20 -20.09
C VAL A 100 -2.62 -5.08 -19.06
N ILE A 101 -2.36 -6.32 -19.52
CA ILE A 101 -1.84 -7.38 -18.72
C ILE A 101 -0.43 -7.61 -19.20
N ALA A 102 0.53 -7.52 -18.29
CA ALA A 102 1.87 -7.96 -18.55
C ALA A 102 2.03 -9.47 -18.28
N ALA A 103 2.33 -10.24 -19.33
CA ALA A 103 2.70 -11.63 -19.15
C ALA A 103 4.21 -11.70 -19.07
N VAL A 104 4.71 -11.69 -17.87
CA VAL A 104 6.13 -11.58 -17.69
C VAL A 104 6.64 -12.99 -17.81
N ASN A 105 7.29 -13.24 -18.93
CA ASN A 105 7.71 -14.58 -19.30
C ASN A 105 9.15 -14.84 -18.96
N GLY A 106 9.83 -13.90 -18.33
CA GLY A 106 11.24 -14.14 -18.04
C GLY A 106 11.86 -12.94 -17.44
N PHE A 107 13.12 -12.68 -17.76
CA PHE A 107 13.82 -11.52 -17.21
C PHE A 107 12.99 -10.22 -17.35
N ALA A 108 12.93 -9.48 -16.26
CA ALA A 108 12.27 -8.16 -16.24
C ALA A 108 13.04 -7.20 -15.35
N LEU A 109 14.07 -6.57 -15.92
CA LEU A 109 14.94 -5.72 -15.13
C LEU A 109 14.95 -4.28 -15.64
N GLY A 110 15.17 -3.35 -14.70
CA GLY A 110 15.32 -1.95 -15.00
C GLY A 110 14.12 -1.50 -15.79
N GLY A 111 14.34 -0.93 -16.97
CA GLY A 111 13.23 -0.55 -17.84
C GLY A 111 12.16 -1.61 -18.06
N GLY A 112 12.53 -2.89 -17.89
CA GLY A 112 11.61 -3.98 -18.13
C GLY A 112 10.68 -4.23 -16.97
N CYS A 113 11.23 -4.13 -15.77
CA CYS A 113 10.43 -4.03 -14.57
C CYS A 113 9.50 -2.85 -14.68
N GLU A 114 10.05 -1.71 -15.11
CA GLU A 114 9.26 -0.46 -15.22
C GLU A 114 8.15 -0.55 -16.21
N ILE A 115 8.35 -1.23 -17.34
CA ILE A 115 7.23 -1.32 -18.27
C ILE A 115 6.14 -2.22 -17.71
N ALA A 116 6.54 -3.29 -17.04
CA ALA A 116 5.58 -4.24 -16.49
C ALA A 116 4.74 -3.53 -15.40
N MET A 117 5.40 -2.68 -14.60
CA MET A 117 4.71 -1.92 -13.52
C MET A 117 3.76 -0.89 -14.07
N SER A 118 3.91 -0.60 -15.37
CA SER A 118 3.07 0.37 -16.04
C SER A 118 1.85 -0.24 -16.65
N CYS A 119 1.70 -1.55 -16.58
CA CYS A 119 0.43 -2.21 -16.95
C CYS A 119 -0.54 -2.34 -15.77
N ASP A 120 -1.79 -2.57 -16.08
CA ASP A 120 -2.81 -2.79 -15.07
C ASP A 120 -2.56 -4.01 -14.13
N ILE A 121 -2.27 -5.18 -14.73
CA ILE A 121 -2.16 -6.47 -14.05
C ILE A 121 -0.86 -7.14 -14.45
N ARG A 122 -0.10 -7.62 -13.48
CA ARG A 122 1.11 -8.37 -13.78
C ARG A 122 0.88 -9.82 -13.37
N ILE A 123 1.43 -10.69 -14.20
CA ILE A 123 1.35 -12.13 -14.03
C ILE A 123 2.68 -12.62 -14.54
N ALA A 124 3.23 -13.65 -13.93
CA ALA A 124 4.59 -14.03 -14.26
C ALA A 124 4.68 -15.53 -14.40
N SER A 125 5.75 -15.99 -15.06
CA SER A 125 6.10 -17.41 -15.12
C SER A 125 7.21 -17.72 -14.13
N SER A 126 7.21 -18.94 -13.61
CA SER A 126 8.01 -19.25 -12.42
C SER A 126 9.49 -18.95 -12.62
N ASN A 127 9.91 -18.87 -13.88
CA ASN A 127 11.27 -18.46 -14.25
C ASN A 127 11.55 -16.96 -14.19
N ALA A 128 10.51 -16.13 -14.19
CA ALA A 128 10.74 -14.67 -14.21
C ALA A 128 11.61 -14.21 -13.07
N ARG A 129 12.33 -13.12 -13.31
CA ARG A 129 13.04 -12.37 -12.27
C ARG A 129 12.74 -10.87 -12.38
N PHE A 130 12.75 -10.17 -11.25
CA PHE A 130 12.45 -8.74 -11.24
C PHE A 130 13.56 -8.02 -10.53
N GLY A 131 13.78 -6.78 -10.92
CA GLY A 131 14.88 -6.00 -10.37
C GLY A 131 15.05 -4.63 -11.00
N GLN A 132 15.91 -3.85 -10.36
CA GLN A 132 16.23 -2.48 -10.75
C GLN A 132 17.73 -2.30 -10.62
N PRO A 133 18.49 -2.61 -11.67
CA PRO A 133 19.95 -2.57 -11.54
C PRO A 133 20.54 -1.16 -11.47
N GLU A 134 19.70 -0.16 -11.72
CA GLU A 134 20.16 1.18 -12.13
C GLU A 134 21.29 1.74 -11.30
N VAL A 135 21.17 1.68 -9.98
CA VAL A 135 22.17 2.28 -9.10
C VAL A 135 23.57 1.63 -9.20
N GLY A 136 23.64 0.38 -9.67
CA GLY A 136 24.94 -0.21 -10.01
C GLY A 136 25.64 0.50 -11.17
N LEU A 137 24.84 1.15 -12.03
CA LEU A 137 25.31 1.90 -13.19
C LEU A 137 25.40 3.44 -12.98
N GLY A 138 25.29 3.86 -11.72
CA GLY A 138 25.42 5.26 -11.37
C GLY A 138 24.23 6.10 -11.78
N ILE A 139 23.09 5.45 -12.01
CA ILE A 139 21.83 6.13 -12.23
C ILE A 139 20.69 5.65 -11.32
N THR A 140 19.66 6.47 -11.19
CA THR A 140 18.40 6.07 -10.58
C THR A 140 17.59 5.42 -11.67
N PRO A 141 16.55 4.68 -11.29
CA PRO A 141 15.57 4.31 -12.27
C PRO A 141 15.15 5.55 -13.08
N GLY A 142 14.91 5.37 -14.37
CA GLY A 142 14.63 6.45 -15.32
C GLY A 142 13.30 6.37 -16.02
N PHE A 143 12.57 5.27 -15.90
CA PHE A 143 11.25 5.14 -16.55
C PHE A 143 10.14 4.81 -15.54
N GLY A 144 10.26 5.37 -14.34
CA GLY A 144 9.17 5.34 -13.37
C GLY A 144 9.50 4.50 -12.17
N GLY A 145 10.62 3.79 -12.21
CA GLY A 145 10.93 2.83 -11.16
C GLY A 145 10.79 3.35 -9.75
N THR A 146 11.26 4.59 -9.51
CA THR A 146 11.33 5.20 -8.18
C THR A 146 9.95 5.50 -7.65
N GLN A 147 8.96 5.48 -8.53
CA GLN A 147 7.62 5.81 -8.15
C GLN A 147 6.66 4.63 -8.14
N ARG A 148 6.75 3.79 -9.16
CA ARG A 148 5.80 2.74 -9.32
C ARG A 148 6.10 1.56 -8.32
N LEU A 149 7.36 1.25 -8.09
CA LEU A 149 7.64 0.07 -7.28
C LEU A 149 7.08 0.26 -5.86
N SER A 150 7.43 1.39 -5.22
CA SER A 150 7.01 1.67 -3.86
C SER A 150 5.49 1.73 -3.78
N ARG A 151 4.86 2.25 -4.82
CA ARG A 151 3.40 2.25 -4.88
C ARG A 151 2.83 0.86 -4.96
N LEU A 152 3.55 -0.08 -5.59
CA LEU A 152 3.02 -1.41 -5.80
C LEU A 152 3.43 -2.35 -4.65
N VAL A 153 4.65 -2.25 -4.15
CA VAL A 153 5.11 -3.24 -3.17
C VAL A 153 5.40 -2.64 -1.79
N GLY A 154 5.13 -1.35 -1.62
CA GLY A 154 5.39 -0.68 -0.35
C GLY A 154 6.79 -0.12 -0.32
N MET A 155 7.03 0.83 0.56
CA MET A 155 8.33 1.45 0.65
C MET A 155 9.46 0.55 1.13
N GLY A 156 9.21 -0.28 2.13
CA GLY A 156 10.26 -1.16 2.63
C GLY A 156 10.93 -1.92 1.53
N MET A 157 10.15 -2.53 0.65
CA MET A 157 10.69 -3.45 -0.34
C MET A 157 11.26 -2.72 -1.56
N ALA A 158 10.56 -1.68 -2.03
CA ALA A 158 11.02 -0.88 -3.16
C ALA A 158 12.38 -0.30 -2.82
N LYS A 159 12.53 0.25 -1.61
CA LYS A 159 13.79 0.82 -1.23
C LYS A 159 14.92 -0.20 -1.17
N GLN A 160 14.61 -1.38 -0.68
CA GLN A 160 15.64 -2.44 -0.64
C GLN A 160 16.05 -2.86 -2.04
N LEU A 161 15.07 -3.03 -2.91
CA LEU A 161 15.35 -3.44 -4.28
C LEU A 161 16.17 -2.39 -5.05
N ILE A 162 15.84 -1.13 -4.89
CA ILE A 162 16.54 -0.05 -5.61
C ILE A 162 17.89 0.32 -5.03
N PHE A 163 18.02 0.36 -3.71
CA PHE A 163 19.32 0.66 -3.11
C PHE A 163 20.30 -0.49 -3.28
N THR A 164 19.86 -1.74 -3.16
CA THR A 164 20.76 -2.91 -3.35
C THR A 164 20.98 -3.25 -4.82
N ALA A 165 19.95 -3.06 -5.65
CA ALA A 165 19.96 -3.43 -7.08
C ALA A 165 19.96 -4.94 -7.35
N GLN A 166 19.63 -5.75 -6.35
CA GLN A 166 19.66 -7.20 -6.48
C GLN A 166 18.32 -7.65 -6.96
N ASN A 167 18.27 -8.79 -7.63
CA ASN A 167 17.04 -9.28 -8.26
C ASN A 167 16.29 -10.19 -7.33
N ILE A 168 15.04 -10.47 -7.68
CA ILE A 168 14.24 -11.39 -6.93
C ILE A 168 13.55 -12.33 -7.89
N LYS A 169 13.21 -13.52 -7.40
CA LYS A 169 12.52 -14.50 -8.23
C LYS A 169 11.04 -14.28 -8.19
N ALA A 170 10.37 -14.94 -9.11
CA ALA A 170 8.95 -14.76 -9.28
C ALA A 170 8.15 -15.04 -8.01
N ASP A 171 8.70 -15.90 -7.13
CA ASP A 171 8.02 -16.28 -5.88
C ASP A 171 8.07 -15.14 -4.84
N GLU A 172 9.23 -14.49 -4.71
CA GLU A 172 9.34 -13.26 -3.93
C GLU A 172 8.44 -12.20 -4.52
N ALA A 173 8.41 -12.16 -5.85
CA ALA A 173 7.62 -11.13 -6.51
C ALA A 173 6.14 -11.26 -6.18
N LEU A 174 5.63 -12.49 -6.12
CA LEU A 174 4.22 -12.69 -5.78
C LEU A 174 4.01 -12.34 -4.32
N ARG A 175 4.90 -12.81 -3.45
CA ARG A 175 4.82 -12.51 -2.03
C ARG A 175 4.62 -11.02 -1.75
N ILE A 176 5.36 -10.17 -2.44
CA ILE A 176 5.26 -8.74 -2.15
C ILE A 176 4.21 -8.01 -2.96
N GLY A 177 3.42 -8.74 -3.74
CA GLY A 177 2.38 -8.16 -4.56
C GLY A 177 2.84 -7.54 -5.88
N LEU A 178 4.13 -7.61 -6.22
CA LEU A 178 4.60 -7.10 -7.50
C LEU A 178 3.81 -7.73 -8.63
N VAL A 179 3.59 -9.06 -8.50
CA VAL A 179 2.68 -9.79 -9.38
C VAL A 179 1.49 -10.36 -8.64
N ASN A 180 0.40 -10.57 -9.39
CA ASN A 180 -0.83 -11.19 -8.96
C ASN A 180 -0.86 -12.73 -9.05
N LYS A 181 -0.03 -13.32 -9.90
CA LYS A 181 0.04 -14.78 -10.05
C LYS A 181 1.35 -15.26 -10.60
N VAL A 182 1.71 -16.46 -10.20
CA VAL A 182 2.82 -17.17 -10.83
C VAL A 182 2.23 -18.48 -11.38
N VAL A 183 2.60 -18.80 -12.62
CA VAL A 183 2.26 -20.04 -13.32
C VAL A 183 3.56 -20.51 -13.96
N GLU A 184 3.55 -21.70 -14.58
CA GLU A 184 4.73 -22.21 -15.26
C GLU A 184 4.76 -21.63 -16.66
N PRO A 185 5.95 -21.57 -17.28
CA PRO A 185 6.01 -21.09 -18.67
C PRO A 185 4.85 -21.60 -19.52
N SER A 186 4.65 -22.90 -19.57
CA SER A 186 3.66 -23.44 -20.46
C SER A 186 2.24 -22.88 -20.26
N GLU A 187 1.91 -22.46 -19.03
CA GLU A 187 0.58 -21.91 -18.72
C GLU A 187 0.44 -20.36 -18.93
N LEU A 188 1.53 -19.63 -19.00
CA LEU A 188 1.48 -18.13 -18.99
C LEU A 188 0.45 -17.45 -19.92
N MET A 189 0.56 -17.67 -21.22
CA MET A 189 -0.32 -17.00 -22.16
C MET A 189 -1.75 -17.45 -22.04
N ASN A 190 -1.98 -18.73 -21.71
CA ASN A 190 -3.35 -19.18 -21.47
C ASN A 190 -3.86 -18.42 -20.28
N THR A 191 -3.06 -18.32 -19.21
CA THR A 191 -3.55 -17.61 -18.04
C THR A 191 -3.92 -16.14 -18.39
N ALA A 192 -2.98 -15.40 -18.99
CA ALA A 192 -3.22 -14.04 -19.53
C ALA A 192 -4.49 -13.95 -20.37
N LYS A 193 -4.66 -14.90 -21.29
CA LYS A 193 -5.77 -14.88 -22.24
C LYS A 193 -7.06 -15.16 -21.56
N GLU A 194 -7.04 -16.01 -20.53
CA GLU A 194 -8.29 -16.23 -19.82
C GLU A 194 -8.63 -15.02 -18.95
N ILE A 195 -7.63 -14.37 -18.34
CA ILE A 195 -7.89 -13.08 -17.69
C ILE A 195 -8.43 -12.07 -18.72
N ALA A 196 -7.73 -11.89 -19.83
CA ALA A 196 -8.17 -10.96 -20.87
C ALA A 196 -9.57 -11.26 -21.33
N ASN A 197 -9.88 -12.55 -21.45
CA ASN A 197 -11.16 -12.98 -22.00
C ASN A 197 -12.32 -12.69 -21.08
N LYS A 198 -12.15 -12.94 -19.79
CA LYS A 198 -13.15 -12.51 -18.81
C LYS A 198 -13.34 -11.02 -18.94
N ILE A 199 -12.24 -10.26 -18.92
CA ILE A 199 -12.38 -8.80 -19.01
C ILE A 199 -13.24 -8.39 -20.22
N VAL A 200 -12.96 -9.03 -21.34
CA VAL A 200 -13.62 -8.71 -22.62
C VAL A 200 -15.11 -9.07 -22.65
N SER A 201 -15.52 -10.09 -21.89
CA SER A 201 -16.93 -10.46 -21.74
C SER A 201 -17.75 -9.48 -20.93
N ASN A 202 -17.06 -8.67 -20.12
CA ASN A 202 -17.77 -7.71 -19.32
C ASN A 202 -18.05 -6.44 -20.08
N ALA A 203 -18.91 -5.60 -19.51
CA ALA A 203 -19.34 -4.44 -20.23
C ALA A 203 -18.15 -3.50 -20.43
N PRO A 204 -17.94 -3.04 -21.68
CA PRO A 204 -16.73 -2.30 -22.09
C PRO A 204 -16.63 -0.86 -21.55
N VAL A 205 -17.76 -0.18 -21.47
CA VAL A 205 -17.79 1.15 -20.94
C VAL A 205 -17.52 1.12 -19.44
N ALA A 206 -18.06 0.10 -18.78
CA ALA A 206 -17.86 -0.10 -17.35
C ALA A 206 -16.43 -0.40 -16.96
N VAL A 207 -15.74 -1.23 -17.72
CA VAL A 207 -14.33 -1.54 -17.50
C VAL A 207 -13.48 -0.32 -17.77
N LYS A 208 -13.82 0.42 -18.82
CA LYS A 208 -13.11 1.64 -19.21
C LYS A 208 -13.15 2.70 -18.09
N LEU A 209 -14.38 3.00 -17.66
CA LEU A 209 -14.64 3.96 -16.63
C LEU A 209 -14.08 3.52 -15.28
N SER A 210 -14.13 2.22 -14.98
CA SER A 210 -13.42 1.68 -13.83
C SER A 210 -11.93 1.91 -13.88
N LYS A 211 -11.31 1.68 -15.03
CA LYS A 211 -9.86 1.88 -15.10
C LYS A 211 -9.52 3.33 -14.76
N GLN A 212 -10.32 4.25 -15.29
CA GLN A 212 -10.10 5.68 -15.12
C GLN A 212 -10.33 6.08 -13.64
N ALA A 213 -11.42 5.64 -13.07
CA ALA A 213 -11.67 5.96 -11.69
C ALA A 213 -10.56 5.43 -10.77
N ILE A 214 -10.02 4.26 -11.05
CA ILE A 214 -8.98 3.69 -10.20
C ILE A 214 -7.68 4.48 -10.37
N ASN A 215 -7.36 4.87 -11.60
CA ASN A 215 -6.14 5.61 -11.87
C ASN A 215 -6.21 6.99 -11.30
N ARG A 216 -7.32 7.67 -11.51
CA ARG A 216 -7.39 9.10 -11.18
C ARG A 216 -7.76 9.31 -9.69
N GLY A 217 -8.74 8.57 -9.22
CA GLY A 217 -9.06 8.53 -7.82
C GLY A 217 -7.91 8.18 -6.91
N MET A 218 -6.99 7.36 -7.37
CA MET A 218 -5.87 6.94 -6.53
C MET A 218 -4.85 8.08 -6.25
N GLN A 219 -4.98 9.19 -6.98
CA GLN A 219 -4.01 10.25 -6.88
C GLN A 219 -4.39 11.27 -5.82
N CYS A 220 -5.63 11.29 -5.40
CA CYS A 220 -6.10 12.34 -4.58
C CYS A 220 -6.75 11.80 -3.30
N ASP A 221 -7.23 12.73 -2.50
CA ASP A 221 -7.87 12.42 -1.25
C ASP A 221 -9.13 11.60 -1.46
N ILE A 222 -9.47 10.79 -0.46
CA ILE A 222 -10.59 9.88 -0.54
C ILE A 222 -11.91 10.60 -0.84
N ASP A 223 -12.13 11.82 -0.33
CA ASP A 223 -13.44 12.46 -0.66
C ASP A 223 -13.59 12.89 -2.13
N THR A 224 -12.57 13.53 -2.67
CA THR A 224 -12.71 13.89 -4.05
C THR A 224 -12.62 12.62 -4.89
N ALA A 225 -11.84 11.64 -4.45
CA ALA A 225 -11.84 10.33 -5.14
C ALA A 225 -13.22 9.70 -5.24
N LEU A 226 -13.92 9.64 -4.11
CA LEU A 226 -15.25 9.04 -4.09
C LEU A 226 -16.16 9.78 -5.01
N ALA A 227 -15.99 11.10 -5.09
CA ALA A 227 -16.93 11.88 -5.90
C ALA A 227 -16.62 11.64 -7.38
N PHE A 228 -15.35 11.42 -7.69
CA PHE A 228 -14.97 11.08 -9.04
C PHE A 228 -15.76 9.85 -9.50
N GLU A 229 -15.75 8.82 -8.67
CA GLU A 229 -16.44 7.57 -8.97
C GLU A 229 -17.87 7.76 -9.37
N SER A 230 -18.65 8.45 -8.55
CA SER A 230 -20.07 8.66 -8.84
C SER A 230 -20.36 9.33 -10.19
N GLU A 231 -19.46 10.20 -10.64
CA GLU A 231 -19.63 10.89 -11.92
C GLU A 231 -19.47 9.83 -13.02
N ALA A 232 -18.49 8.96 -12.86
CA ALA A 232 -18.27 7.85 -13.80
C ALA A 232 -19.40 6.81 -13.80
N PHE A 233 -19.87 6.46 -12.60
CA PHE A 233 -20.98 5.55 -12.36
C PHE A 233 -22.21 6.08 -13.04
N GLY A 234 -22.46 7.36 -12.87
CA GLY A 234 -23.57 7.99 -13.56
C GLY A 234 -23.46 7.74 -15.05
N GLU A 235 -22.28 7.94 -15.62
CA GLU A 235 -22.13 7.84 -17.08
C GLU A 235 -22.55 6.43 -17.57
N CYS A 236 -22.25 5.39 -16.80
CA CYS A 236 -22.66 4.04 -17.16
C CYS A 236 -24.17 3.93 -17.38
N PHE A 237 -24.94 4.73 -16.66
CA PHE A 237 -26.37 4.69 -16.88
C PHE A 237 -26.84 5.33 -18.19
N SER A 238 -25.93 5.90 -18.97
CA SER A 238 -26.28 6.41 -20.29
C SER A 238 -26.16 5.28 -21.33
N THR A 239 -25.50 4.17 -21.01
CA THR A 239 -25.29 3.10 -21.99
C THR A 239 -26.43 2.11 -22.08
N GLU A 240 -26.55 1.51 -23.26
CA GLU A 240 -27.42 0.35 -23.46
C GLU A 240 -26.92 -0.87 -22.69
N ASP A 241 -25.60 -1.05 -22.60
CA ASP A 241 -25.09 -2.22 -21.92
C ASP A 241 -25.63 -2.34 -20.51
N GLN A 242 -25.52 -1.26 -19.73
CA GLN A 242 -26.14 -1.20 -18.40
C GLN A 242 -27.62 -1.63 -18.35
N LYS A 243 -28.40 -1.17 -19.32
CA LYS A 243 -29.82 -1.50 -19.40
C LYS A 243 -30.02 -3.02 -19.70
N ASP A 244 -29.19 -3.56 -20.59
CA ASP A 244 -29.38 -4.95 -21.02
C ASP A 244 -28.74 -5.96 -20.06
N ALA A 245 -27.59 -5.64 -19.48
CA ALA A 245 -26.98 -6.54 -18.53
C ALA A 245 -27.82 -6.65 -17.27
N MET A 246 -28.44 -5.55 -16.86
CA MET A 246 -29.26 -5.58 -15.65
C MET A 246 -30.66 -6.14 -15.93
N THR A 247 -31.16 -6.00 -17.16
CA THR A 247 -32.41 -6.66 -17.51
C THR A 247 -32.15 -8.17 -17.60
N ALA A 248 -31.05 -8.54 -18.25
CA ALA A 248 -30.69 -9.94 -18.37
C ALA A 248 -30.53 -10.58 -16.98
N PHE A 249 -29.74 -9.90 -16.14
CA PHE A 249 -29.36 -10.42 -14.84
C PHE A 249 -30.57 -10.74 -14.00
N ILE A 250 -31.58 -9.91 -14.06
CA ILE A 250 -32.74 -10.18 -13.27
C ILE A 250 -33.40 -11.46 -13.75
N GLU A 251 -33.97 -11.42 -14.94
CA GLU A 251 -34.57 -12.59 -15.53
C GLU A 251 -33.67 -13.81 -15.43
N LYS A 252 -32.44 -13.70 -15.91
CA LYS A 252 -31.51 -14.80 -15.80
C LYS A 252 -31.48 -15.41 -14.43
N ARG A 253 -30.97 -14.72 -13.43
CA ARG A 253 -30.87 -15.35 -12.10
C ARG A 253 -32.22 -15.85 -11.70
N LYS A 254 -33.23 -15.18 -12.24
CA LYS A 254 -34.59 -15.26 -11.80
C LYS A 254 -34.56 -14.77 -10.38
N MET B 1 29.11 17.47 21.93
CA MET B 1 28.02 16.89 22.78
C MET B 1 28.47 15.53 23.32
N GLU B 2 28.20 15.26 24.60
CA GLU B 2 28.57 13.98 25.25
C GLU B 2 27.54 12.89 24.87
N LEU B 3 27.93 11.61 24.85
CA LEU B 3 27.02 10.55 24.39
C LEU B 3 26.79 9.41 25.38
N ASN B 4 25.80 9.61 26.25
CA ASN B 4 25.47 8.64 27.29
C ASN B 4 24.65 7.49 26.73
N ASN B 5 23.53 7.77 26.10
CA ASN B 5 22.55 6.74 25.74
C ASN B 5 22.64 6.17 24.31
N VAL B 6 23.52 6.71 23.48
CA VAL B 6 23.65 6.29 22.09
C VAL B 6 25.10 6.09 21.70
N ILE B 7 25.35 5.07 20.89
CA ILE B 7 26.68 4.79 20.37
C ILE B 7 26.69 4.95 18.86
N LEU B 8 27.52 5.87 18.37
CA LEU B 8 27.91 5.95 16.96
C LEU B 8 29.27 5.31 16.74
N GLU B 9 29.33 4.32 15.88
CA GLU B 9 30.58 3.74 15.43
C GLU B 9 30.63 3.84 13.91
N LYS B 10 31.80 4.15 13.37
CA LYS B 10 32.01 4.21 11.91
C LYS B 10 33.11 3.23 11.58
N GLU B 11 32.98 2.56 10.45
CA GLU B 11 34.06 1.75 9.86
C GLU B 11 33.69 1.46 8.40
N GLY B 12 34.64 1.65 7.50
CA GLY B 12 34.36 1.47 6.11
C GLY B 12 33.32 2.51 5.79
N LYS B 13 32.36 2.13 4.96
CA LYS B 13 31.39 3.09 4.48
C LYS B 13 30.07 2.99 5.24
N VAL B 14 30.07 2.28 6.36
CA VAL B 14 28.86 2.14 7.13
C VAL B 14 28.98 2.53 8.59
N ALA B 15 27.95 3.26 9.04
CA ALA B 15 27.83 3.65 10.43
C ALA B 15 26.84 2.76 11.17
N VAL B 16 27.11 2.50 12.44
CA VAL B 16 26.20 1.74 13.25
C VAL B 16 25.84 2.61 14.41
N VAL B 17 24.54 2.89 14.52
CA VAL B 17 24.00 3.62 15.64
C VAL B 17 23.30 2.62 16.58
N THR B 18 23.67 2.68 17.84
CA THR B 18 23.25 1.70 18.77
C THR B 18 22.59 2.43 19.91
N ILE B 19 21.31 2.17 20.12
CA ILE B 19 20.62 2.69 21.29
C ILE B 19 21.03 1.78 22.42
N ASN B 20 21.32 2.37 23.58
CA ASN B 20 22.08 1.70 24.64
C ASN B 20 21.72 2.22 26.00
N ARG B 21 20.50 1.93 26.42
CA ARG B 21 20.04 2.25 27.77
C ARG B 21 19.65 0.93 28.35
N PRO B 22 20.66 0.07 28.55
CA PRO B 22 20.43 -1.36 28.80
C PRO B 22 19.49 -1.60 29.97
N LYS B 23 19.53 -0.73 30.98
CA LYS B 23 18.59 -0.81 32.10
C LYS B 23 17.14 -0.61 31.64
N ALA B 24 16.82 0.51 30.99
CA ALA B 24 15.44 0.76 30.57
C ALA B 24 15.09 0.17 29.19
N LEU B 25 15.79 -0.90 28.80
CA LEU B 25 15.51 -1.63 27.58
C LEU B 25 15.48 -0.69 26.43
N ASN B 26 16.48 0.17 26.38
CA ASN B 26 16.72 1.04 25.24
C ASN B 26 15.59 2.02 24.97
N ALA B 27 14.88 2.42 26.01
CA ALA B 27 13.75 3.34 25.82
C ALA B 27 14.23 4.74 25.47
N LEU B 28 13.40 5.43 24.70
CA LEU B 28 13.69 6.80 24.33
C LEU B 28 13.30 7.77 25.44
N ASN B 29 13.87 8.97 25.39
CA ASN B 29 13.53 10.08 26.28
C ASN B 29 14.07 11.40 25.71
N SER B 30 13.81 12.50 26.39
CA SER B 30 14.26 13.79 25.91
C SER B 30 15.70 13.67 25.47
N ASP B 31 16.58 13.26 26.39
CA ASP B 31 18.03 13.23 26.17
C ASP B 31 18.45 12.30 25.02
N THR B 32 17.83 11.15 24.93
CA THR B 32 18.18 10.15 23.94
C THR B 32 17.70 10.62 22.55
N LEU B 33 16.54 11.29 22.51
CA LEU B 33 16.12 12.00 21.29
C LEU B 33 17.08 13.13 20.84
N LYS B 34 17.60 13.93 21.77
CA LYS B 34 18.59 14.98 21.40
C LYS B 34 19.87 14.34 20.87
N GLU B 35 20.29 13.27 21.50
CA GLU B 35 21.51 12.57 21.12
C GLU B 35 21.37 11.96 19.71
N MET B 36 20.16 11.50 19.39
CA MET B 36 19.90 10.94 18.07
C MET B 36 19.95 12.02 16.99
N ASP B 37 19.41 13.20 17.30
CA ASP B 37 19.46 14.37 16.41
C ASP B 37 20.91 14.77 16.10
N TYR B 38 21.73 14.77 17.15
CA TYR B 38 23.14 15.09 17.04
C TYR B 38 23.85 14.10 16.13
N VAL B 39 23.64 12.80 16.32
CA VAL B 39 24.34 11.81 15.51
C VAL B 39 23.87 11.83 14.07
N ILE B 40 22.60 12.14 13.85
CA ILE B 40 22.10 12.27 12.48
C ILE B 40 22.92 13.34 11.75
N GLY B 41 23.11 14.48 12.41
CA GLY B 41 24.06 15.51 11.96
C GLY B 41 25.45 15.01 11.62
N GLU B 42 26.10 14.32 12.55
CA GLU B 42 27.46 13.80 12.32
C GLU B 42 27.47 13.00 11.03
N ILE B 43 26.46 12.17 10.92
CA ILE B 43 26.37 11.25 9.82
C ILE B 43 26.16 12.02 8.49
N GLU B 44 25.28 13.02 8.50
CA GLU B 44 25.12 13.79 7.28
C GLU B 44 26.31 14.69 6.96
N ASN B 45 27.06 15.08 7.99
CA ASN B 45 28.33 15.79 7.84
C ASN B 45 29.45 14.97 7.22
N ASP B 46 29.28 13.66 7.10
CA ASP B 46 30.36 12.83 6.63
C ASP B 46 29.92 12.20 5.33
N SER B 47 30.59 12.53 4.22
CA SER B 47 30.15 12.04 2.92
C SER B 47 30.73 10.65 2.61
N GLU B 48 31.69 10.19 3.40
CA GLU B 48 32.20 8.83 3.27
C GLU B 48 31.33 7.76 3.90
N VAL B 49 30.33 8.18 4.69
CA VAL B 49 29.36 7.24 5.22
C VAL B 49 28.29 7.09 4.18
N LEU B 50 28.10 5.88 3.69
CA LEU B 50 27.14 5.66 2.63
C LEU B 50 25.91 4.88 3.11
N ALA B 51 25.97 4.21 4.27
CA ALA B 51 24.81 3.48 4.78
C ALA B 51 24.84 3.35 6.29
N VAL B 52 23.67 3.40 6.90
CA VAL B 52 23.55 3.34 8.34
C VAL B 52 22.77 2.13 8.80
N ILE B 53 23.16 1.60 9.95
CA ILE B 53 22.42 0.56 10.66
C ILE B 53 22.09 1.08 12.05
N LEU B 54 20.78 1.05 12.37
CA LEU B 54 20.24 1.47 13.66
C LEU B 54 19.88 0.20 14.40
N THR B 55 20.38 0.04 15.62
CA THR B 55 20.04 -1.14 16.41
C THR B 55 20.01 -0.82 17.88
N GLY B 56 19.64 -1.82 18.66
CA GLY B 56 19.53 -1.67 20.10
C GLY B 56 20.62 -2.49 20.78
N ALA B 57 21.05 -2.03 21.95
CA ALA B 57 22.00 -2.78 22.77
C ALA B 57 21.38 -4.11 23.25
N GLY B 58 22.23 -5.13 23.38
CA GLY B 58 21.81 -6.36 24.04
C GLY B 58 20.97 -7.23 23.16
N GLU B 59 20.35 -8.23 23.77
CA GLU B 59 19.68 -9.33 23.02
C GLU B 59 18.13 -9.35 23.21
N LYS B 60 17.60 -8.38 23.93
CA LYS B 60 16.22 -8.41 24.39
C LYS B 60 15.38 -7.28 23.77
N SER B 61 15.96 -6.09 23.67
CA SER B 61 15.24 -4.92 23.23
C SER B 61 15.96 -4.24 22.09
N PHE B 62 15.19 -3.85 21.09
CA PHE B 62 15.63 -2.88 20.09
C PHE B 62 15.46 -1.52 20.74
N VAL B 63 14.22 -1.09 20.81
CA VAL B 63 13.81 0.05 21.59
C VAL B 63 12.45 -0.30 22.18
N ALA B 64 12.39 -0.38 23.50
CA ALA B 64 11.18 -0.75 24.20
C ALA B 64 10.03 0.25 24.18
N GLY B 65 10.31 1.53 24.17
CA GLY B 65 9.29 2.55 24.28
C GLY B 65 9.93 3.90 24.51
N ALA B 66 9.20 4.82 25.13
CA ALA B 66 9.71 6.11 25.56
C ALA B 66 9.46 6.18 27.06
N ASP B 67 10.12 7.11 27.77
CA ASP B 67 9.97 7.17 29.21
C ASP B 67 8.67 7.87 29.58
N ILE B 68 7.79 7.16 30.28
CA ILE B 68 6.50 7.70 30.67
C ILE B 68 6.55 8.72 31.83
N SER B 69 7.49 8.57 32.76
CA SER B 69 7.69 9.58 33.82
C SER B 69 7.82 10.97 33.22
N GLU B 70 8.55 11.03 32.12
CA GLU B 70 8.79 12.25 31.40
C GLU B 70 7.50 12.85 30.87
N MET B 71 6.52 12.01 30.54
CA MET B 71 5.34 12.45 29.82
C MET B 71 4.13 12.72 30.70
N LYS B 72 4.06 12.06 31.85
CA LYS B 72 2.85 12.01 32.70
C LYS B 72 2.31 13.37 33.11
N GLU B 73 3.17 14.33 33.31
CA GLU B 73 2.77 15.61 33.87
C GLU B 73 2.49 16.66 32.79
N MET B 74 2.82 16.34 31.56
CA MET B 74 2.67 17.34 30.51
C MET B 74 1.21 17.74 30.35
N ASN B 75 1.00 19.00 29.98
CA ASN B 75 -0.30 19.49 29.54
C ASN B 75 -0.45 19.39 28.00
N THR B 76 -1.55 19.92 27.48
CA THR B 76 -1.89 19.77 26.04
C THR B 76 -0.79 20.36 25.16
N ILE B 77 -0.41 21.58 25.47
CA ILE B 77 0.56 22.33 24.70
C ILE B 77 1.94 21.76 24.87
N GLU B 78 2.28 21.23 26.05
CA GLU B 78 3.59 20.60 26.20
C GLU B 78 3.69 19.26 25.40
N GLY B 79 2.60 18.50 25.38
CA GLY B 79 2.65 17.17 24.82
C GLY B 79 2.80 17.32 23.32
N ARG B 80 2.09 18.31 22.80
CA ARG B 80 2.13 18.71 21.42
C ARG B 80 3.55 19.04 20.98
N LYS B 81 4.26 19.82 21.79
CA LYS B 81 5.65 20.12 21.50
C LYS B 81 6.52 18.87 21.59
N PHE B 82 6.25 18.04 22.60
CA PHE B 82 6.99 16.80 22.74
C PHE B 82 6.76 15.89 21.52
N GLY B 83 5.53 15.87 20.99
CA GLY B 83 5.26 15.19 19.72
C GLY B 83 6.02 15.77 18.52
N ILE B 84 6.02 17.08 18.41
CA ILE B 84 6.72 17.74 17.28
C ILE B 84 8.23 17.44 17.29
N LEU B 85 8.84 17.47 18.45
CA LEU B 85 10.29 17.26 18.55
C LEU B 85 10.74 15.86 18.18
N GLY B 86 10.07 14.85 18.70
CA GLY B 86 10.40 13.48 18.32
C GLY B 86 10.17 13.26 16.84
N ASN B 87 9.02 13.67 16.36
CA ASN B 87 8.74 13.63 14.93
C ASN B 87 9.83 14.35 14.09
N LYS B 88 10.31 15.51 14.55
CA LYS B 88 11.42 16.24 13.90
C LYS B 88 12.64 15.33 13.68
N VAL B 89 13.03 14.60 14.71
CA VAL B 89 14.23 13.78 14.66
C VAL B 89 14.01 12.53 13.78
N PHE B 90 12.84 11.92 13.86
CA PHE B 90 12.56 10.75 13.07
C PHE B 90 12.37 11.15 11.60
N ARG B 91 11.84 12.33 11.38
CA ARG B 91 11.63 12.76 10.02
C ARG B 91 12.99 13.00 9.40
N ARG B 92 13.90 13.53 10.20
CA ARG B 92 15.26 13.83 9.79
C ARG B 92 15.95 12.53 9.45
N LEU B 93 15.69 11.52 10.25
CA LEU B 93 16.25 10.22 9.93
C LEU B 93 15.76 9.65 8.58
N GLU B 94 14.49 9.87 8.31
CA GLU B 94 13.82 9.31 7.15
C GLU B 94 14.35 9.97 5.88
N LEU B 95 14.69 11.25 5.99
CA LEU B 95 15.09 12.05 4.85
C LEU B 95 16.61 12.05 4.64
N LEU B 96 17.34 11.72 5.69
CA LEU B 96 18.78 11.59 5.65
C LEU B 96 19.17 10.99 4.33
N GLU B 97 20.15 11.60 3.64
CA GLU B 97 20.41 11.21 2.26
C GLU B 97 21.35 9.98 2.11
N LYS B 98 21.44 9.17 3.17
CA LYS B 98 21.96 7.80 3.08
C LYS B 98 20.89 6.79 3.51
N PRO B 99 20.93 5.59 2.91
CA PRO B 99 19.99 4.55 3.35
C PRO B 99 20.21 4.22 4.83
N VAL B 100 19.12 4.06 5.58
CA VAL B 100 19.24 3.60 6.96
C VAL B 100 18.46 2.28 7.14
N ILE B 101 19.16 1.27 7.65
CA ILE B 101 18.55 -0.01 7.89
C ILE B 101 18.31 -0.25 9.35
N ALA B 102 17.10 -0.68 9.71
CA ALA B 102 16.77 -0.93 11.12
C ALA B 102 16.95 -2.38 11.38
N ALA B 103 17.87 -2.68 12.30
CA ALA B 103 18.16 -4.06 12.68
C ALA B 103 17.49 -4.33 14.01
N VAL B 104 16.30 -4.92 13.91
CA VAL B 104 15.38 -4.95 15.01
C VAL B 104 15.57 -6.24 15.75
N ASN B 105 16.34 -6.12 16.83
CA ASN B 105 16.88 -7.22 17.60
C ASN B 105 16.00 -7.67 18.76
N GLY B 106 14.90 -6.98 19.00
CA GLY B 106 13.96 -7.46 19.99
C GLY B 106 12.76 -6.57 20.02
N PHE B 107 12.36 -6.17 21.22
CA PHE B 107 11.17 -5.35 21.40
C PHE B 107 11.31 -4.06 20.59
N ALA B 108 10.32 -3.79 19.73
CA ALA B 108 10.21 -2.47 19.11
C ALA B 108 8.83 -1.93 19.37
N LEU B 109 8.63 -1.28 20.53
CA LEU B 109 7.30 -0.91 20.99
C LEU B 109 7.24 0.60 21.14
N GLY B 110 6.11 1.17 20.74
CA GLY B 110 5.85 2.57 20.91
C GLY B 110 6.81 3.31 20.02
N GLY B 111 7.41 4.36 20.57
CA GLY B 111 8.52 5.03 19.96
C GLY B 111 9.57 4.15 19.35
N GLY B 112 9.68 2.90 19.77
CA GLY B 112 10.64 1.99 19.15
C GLY B 112 10.17 1.46 17.81
N CYS B 113 8.88 1.17 17.75
CA CYS B 113 8.26 0.78 16.49
C CYS B 113 8.37 1.98 15.55
N GLU B 114 7.93 3.12 16.06
CA GLU B 114 7.93 4.37 15.34
C GLU B 114 9.32 4.77 14.74
N ILE B 115 10.43 4.51 15.45
CA ILE B 115 11.76 4.93 14.98
C ILE B 115 12.26 3.93 13.94
N ALA B 116 11.90 2.66 14.11
CA ALA B 116 12.18 1.65 13.09
C ALA B 116 11.44 1.93 11.77
N MET B 117 10.20 2.39 11.89
CA MET B 117 9.39 2.71 10.75
C MET B 117 9.99 3.94 10.03
N SER B 118 10.87 4.67 10.70
CA SER B 118 11.44 5.89 10.14
C SER B 118 12.68 5.59 9.26
N CYS B 119 13.17 4.35 9.34
CA CYS B 119 14.27 3.87 8.49
C CYS B 119 13.80 3.46 7.11
N ASP B 120 14.74 3.16 6.22
CA ASP B 120 14.39 2.88 4.85
C ASP B 120 13.96 1.44 4.73
N ILE B 121 14.66 0.61 5.50
CA ILE B 121 14.50 -0.84 5.50
C ILE B 121 14.51 -1.44 6.93
N ARG B 122 13.61 -2.38 7.17
CA ARG B 122 13.54 -3.10 8.46
C ARG B 122 13.79 -4.59 8.28
N ILE B 123 14.71 -5.14 9.08
CA ILE B 123 14.84 -6.57 9.21
C ILE B 123 14.83 -6.90 10.70
N ALA B 124 14.34 -8.07 11.04
CA ALA B 124 14.14 -8.44 12.44
C ALA B 124 14.79 -9.78 12.78
N SER B 125 15.20 -9.91 14.04
CA SER B 125 15.45 -11.21 14.66
C SER B 125 14.11 -11.90 14.90
N SER B 126 14.17 -13.20 15.09
CA SER B 126 12.97 -14.02 15.22
C SER B 126 12.28 -13.76 16.57
N ASN B 127 13.03 -13.26 17.52
CA ASN B 127 12.52 -12.86 18.81
C ASN B 127 11.91 -11.47 18.86
N ALA B 128 12.03 -10.69 17.78
CA ALA B 128 11.53 -9.32 17.77
C ALA B 128 10.02 -9.25 17.96
N ARG B 129 9.56 -8.23 18.68
CA ARG B 129 8.12 -7.93 18.85
C ARG B 129 7.88 -6.49 18.36
N PHE B 130 6.73 -6.27 17.75
CA PHE B 130 6.32 -4.98 17.29
C PHE B 130 4.93 -4.63 17.84
N GLY B 131 4.77 -3.37 18.23
CA GLY B 131 3.48 -2.86 18.61
C GLY B 131 3.47 -1.40 18.98
N GLN B 132 2.26 -0.88 19.14
CA GLN B 132 1.96 0.43 19.60
C GLN B 132 1.02 0.39 20.83
N PRO B 133 1.58 0.41 22.06
CA PRO B 133 0.71 0.34 23.22
C PRO B 133 0.05 1.67 23.65
N GLU B 134 0.36 2.76 22.96
CA GLU B 134 0.03 4.12 23.40
C GLU B 134 -1.43 4.34 23.79
N VAL B 135 -2.34 3.65 23.16
CA VAL B 135 -3.74 3.97 23.36
C VAL B 135 -4.23 3.40 24.74
N GLY B 136 -3.47 2.45 25.26
CA GLY B 136 -3.71 1.95 26.61
C GLY B 136 -3.15 2.88 27.67
N LEU B 137 -2.36 3.87 27.25
CA LEU B 137 -1.74 4.84 28.15
C LEU B 137 -2.44 6.16 28.02
N GLY B 138 -3.50 6.19 27.23
CA GLY B 138 -4.34 7.38 27.16
C GLY B 138 -3.88 8.36 26.12
N ILE B 139 -3.03 7.91 25.19
CA ILE B 139 -2.55 8.76 24.08
C ILE B 139 -2.54 8.07 22.71
N THR B 140 -2.41 8.88 21.67
CA THR B 140 -2.11 8.38 20.34
C THR B 140 -0.63 8.04 20.31
N PRO B 141 -0.21 7.24 19.32
CA PRO B 141 1.18 7.29 18.94
C PRO B 141 1.57 8.73 18.77
N GLY B 142 2.80 9.04 19.17
CA GLY B 142 3.24 10.41 19.19
C GLY B 142 4.45 10.74 18.34
N PHE B 143 5.09 9.73 17.78
CA PHE B 143 6.27 9.96 16.95
C PHE B 143 6.05 9.43 15.53
N GLY B 144 4.88 9.68 14.98
CA GLY B 144 4.54 9.30 13.60
C GLY B 144 3.70 8.06 13.39
N GLY B 145 3.41 7.31 14.47
CA GLY B 145 2.95 5.95 14.36
C GLY B 145 1.63 5.95 13.67
N THR B 146 0.91 7.06 13.80
CA THR B 146 -0.42 7.13 13.20
C THR B 146 -0.31 7.32 11.69
N GLN B 147 0.91 7.50 11.21
CA GLN B 147 1.14 7.76 9.81
C GLN B 147 2.01 6.76 9.07
N ARG B 148 3.09 6.30 9.69
CA ARG B 148 4.03 5.43 9.00
C ARG B 148 3.55 3.97 8.98
N LEU B 149 2.84 3.54 10.03
CA LEU B 149 2.34 2.19 10.08
C LEU B 149 1.32 1.91 8.97
N SER B 150 0.28 2.73 8.82
CA SER B 150 -0.65 2.52 7.74
C SER B 150 0.06 2.56 6.39
N ARG B 151 1.01 3.49 6.22
CA ARG B 151 1.71 3.63 4.94
C ARG B 151 2.54 2.39 4.69
N LEU B 152 3.01 1.76 5.76
CA LEU B 152 3.91 0.62 5.61
C LEU B 152 3.19 -0.73 5.48
N VAL B 153 2.10 -0.92 6.22
CA VAL B 153 1.36 -2.21 6.19
C VAL B 153 -0.14 -2.09 5.84
N GLY B 154 -0.60 -0.93 5.39
CA GLY B 154 -2.01 -0.79 5.04
C GLY B 154 -2.89 -0.36 6.21
N MET B 155 -4.02 0.25 5.92
CA MET B 155 -4.93 0.79 6.94
C MET B 155 -5.54 -0.23 7.87
N GLY B 156 -5.87 -1.37 7.28
CA GLY B 156 -6.49 -2.48 7.99
C GLY B 156 -5.67 -2.98 9.15
N MET B 157 -4.39 -3.29 8.90
CA MET B 157 -3.55 -3.79 9.96
C MET B 157 -3.15 -2.66 10.89
N ALA B 158 -2.75 -1.52 10.33
CA ALA B 158 -2.36 -0.38 11.19
C ALA B 158 -3.45 -0.06 12.23
N LYS B 159 -4.67 0.03 11.76
CA LYS B 159 -5.77 0.37 12.66
C LYS B 159 -5.91 -0.68 13.77
N GLN B 160 -5.78 -1.95 13.42
CA GLN B 160 -5.95 -2.98 14.40
C GLN B 160 -4.86 -2.87 15.47
N LEU B 161 -3.62 -2.71 15.03
CA LEU B 161 -2.51 -2.70 15.95
C LEU B 161 -2.60 -1.48 16.85
N ILE B 162 -2.98 -0.36 16.26
CA ILE B 162 -3.06 0.86 17.02
C ILE B 162 -4.29 0.87 17.98
N PHE B 163 -5.48 0.43 17.53
CA PHE B 163 -6.65 0.43 18.40
C PHE B 163 -6.60 -0.62 19.49
N THR B 164 -6.04 -1.79 19.21
CA THR B 164 -5.92 -2.82 20.24
C THR B 164 -4.69 -2.69 21.18
N ALA B 165 -3.60 -2.11 20.69
CA ALA B 165 -2.37 -1.98 21.44
C ALA B 165 -1.74 -3.31 21.70
N GLN B 166 -2.07 -4.31 20.89
CA GLN B 166 -1.46 -5.61 21.03
C GLN B 166 -0.31 -5.81 20.09
N ASN B 167 0.77 -6.36 20.65
CA ASN B 167 1.98 -6.80 19.97
C ASN B 167 1.82 -7.99 19.02
N ILE B 168 2.79 -8.12 18.10
CA ILE B 168 2.82 -9.17 17.08
C ILE B 168 4.24 -9.65 17.05
N LYS B 169 4.44 -10.90 16.66
CA LYS B 169 5.78 -11.49 16.62
C LYS B 169 6.44 -11.19 15.27
N ALA B 170 7.71 -11.50 15.18
CA ALA B 170 8.50 -11.25 14.00
C ALA B 170 7.92 -11.87 12.74
N ASP B 171 7.55 -13.15 12.78
CA ASP B 171 6.95 -13.81 11.61
C ASP B 171 5.71 -13.06 11.05
N GLU B 172 4.91 -12.51 11.95
CA GLU B 172 3.70 -11.79 11.54
C GLU B 172 4.10 -10.43 10.98
N ALA B 173 5.10 -9.79 11.59
CA ALA B 173 5.63 -8.54 11.04
C ALA B 173 6.09 -8.73 9.59
N LEU B 174 6.65 -9.91 9.31
CA LEU B 174 7.04 -10.24 7.96
C LEU B 174 5.84 -10.48 7.04
N ARG B 175 4.81 -11.16 7.53
CA ARG B 175 3.63 -11.45 6.69
C ARG B 175 2.95 -10.17 6.21
N ILE B 176 2.92 -9.15 7.04
CA ILE B 176 2.23 -7.90 6.67
C ILE B 176 3.18 -6.88 6.05
N GLY B 177 4.45 -7.24 5.93
CA GLY B 177 5.42 -6.45 5.18
C GLY B 177 6.08 -5.37 6.00
N LEU B 178 5.94 -5.42 7.33
CA LEU B 178 6.57 -4.43 8.21
C LEU B 178 8.09 -4.58 8.26
N VAL B 179 8.59 -5.78 8.12
CA VAL B 179 10.00 -6.01 7.93
C VAL B 179 10.18 -6.74 6.59
N ASN B 180 11.39 -6.69 6.04
CA ASN B 180 11.61 -7.29 4.73
C ASN B 180 12.07 -8.74 4.84
N LYS B 181 12.65 -9.09 5.98
CA LYS B 181 13.28 -10.37 6.20
C LYS B 181 13.33 -10.61 7.70
N VAL B 182 13.27 -11.89 8.09
CA VAL B 182 13.43 -12.36 9.49
C VAL B 182 14.54 -13.40 9.55
N VAL B 183 15.46 -13.26 10.49
CA VAL B 183 16.58 -14.17 10.68
C VAL B 183 16.80 -14.53 12.17
N GLU B 184 17.71 -15.46 12.43
CA GLU B 184 18.05 -15.83 13.81
C GLU B 184 18.88 -14.74 14.47
N PRO B 185 18.73 -14.55 15.80
CA PRO B 185 19.48 -13.50 16.49
C PRO B 185 20.95 -13.42 16.13
N SER B 186 21.63 -14.57 16.08
CA SER B 186 23.08 -14.59 15.82
C SER B 186 23.41 -14.17 14.39
N GLU B 187 22.38 -14.02 13.54
CA GLU B 187 22.55 -13.64 12.13
C GLU B 187 22.12 -12.19 11.84
N LEU B 188 21.57 -11.50 12.83
CA LEU B 188 20.96 -10.18 12.59
C LEU B 188 21.96 -9.20 12.02
N MET B 189 22.99 -8.88 12.78
CA MET B 189 23.95 -7.88 12.32
C MET B 189 24.67 -8.26 11.02
N ASN B 190 25.05 -9.52 10.82
CA ASN B 190 25.68 -9.92 9.56
C ASN B 190 24.78 -9.62 8.37
N THR B 191 23.48 -9.84 8.56
CA THR B 191 22.54 -9.68 7.46
C THR B 191 22.37 -8.20 7.15
N ALA B 192 22.38 -7.36 8.18
CA ALA B 192 22.26 -5.92 7.97
C ALA B 192 23.54 -5.37 7.32
N LYS B 193 24.69 -5.86 7.76
CA LYS B 193 25.97 -5.49 7.14
C LYS B 193 26.07 -5.94 5.69
N GLU B 194 25.47 -7.08 5.35
CA GLU B 194 25.52 -7.57 3.97
C GLU B 194 24.65 -6.73 3.03
N ILE B 195 23.48 -6.36 3.52
CA ILE B 195 22.60 -5.48 2.79
C ILE B 195 23.28 -4.13 2.71
N ALA B 196 23.77 -3.62 3.84
CA ALA B 196 24.51 -2.35 3.86
C ALA B 196 25.69 -2.34 2.88
N ASN B 197 26.42 -3.45 2.78
CA ASN B 197 27.58 -3.49 1.87
C ASN B 197 27.23 -3.61 0.41
N LYS B 198 26.11 -4.26 0.11
CA LYS B 198 25.59 -4.23 -1.25
C LYS B 198 25.24 -2.81 -1.66
N ILE B 199 24.56 -2.12 -0.77
CA ILE B 199 24.13 -0.74 -1.02
C ILE B 199 25.32 0.18 -1.27
N VAL B 200 26.30 0.06 -0.39
CA VAL B 200 27.51 0.86 -0.43
C VAL B 200 28.46 0.46 -1.57
N SER B 201 28.25 -0.71 -2.17
CA SER B 201 29.04 -1.11 -3.34
C SER B 201 28.45 -0.43 -4.58
N ASN B 202 27.29 0.16 -4.41
CA ASN B 202 26.66 0.91 -5.48
C ASN B 202 27.05 2.37 -5.44
N ALA B 203 26.62 3.10 -6.48
CA ALA B 203 27.09 4.45 -6.72
C ALA B 203 26.32 5.39 -5.83
N PRO B 204 27.04 6.16 -5.00
CA PRO B 204 26.40 6.88 -3.89
C PRO B 204 25.42 7.97 -4.31
N VAL B 205 25.71 8.70 -5.37
CA VAL B 205 24.79 9.77 -5.76
C VAL B 205 23.49 9.21 -6.30
N ALA B 206 23.58 8.05 -6.98
CA ALA B 206 22.39 7.38 -7.49
C ALA B 206 21.50 6.84 -6.40
N VAL B 207 22.12 6.34 -5.34
CA VAL B 207 21.38 5.84 -4.18
C VAL B 207 20.76 7.03 -3.45
N LYS B 208 21.59 8.05 -3.23
CA LYS B 208 21.22 9.31 -2.63
C LYS B 208 19.99 9.87 -3.34
N LEU B 209 20.10 10.06 -4.65
CA LEU B 209 19.02 10.63 -5.43
C LEU B 209 17.83 9.73 -5.57
N SER B 210 18.05 8.41 -5.61
CA SER B 210 16.93 7.46 -5.66
C SER B 210 16.14 7.55 -4.37
N LYS B 211 16.83 7.53 -3.23
CA LYS B 211 16.15 7.79 -1.95
C LYS B 211 15.29 9.07 -1.96
N GLN B 212 15.86 10.18 -2.38
CA GLN B 212 15.05 11.38 -2.48
C GLN B 212 13.84 11.19 -3.40
N ALA B 213 14.03 10.55 -4.55
CA ALA B 213 12.94 10.44 -5.52
C ALA B 213 11.79 9.60 -4.96
N ILE B 214 12.15 8.55 -4.24
CA ILE B 214 11.12 7.70 -3.62
C ILE B 214 10.38 8.46 -2.48
N ASN B 215 11.16 9.03 -1.57
CA ASN B 215 10.61 9.79 -0.44
C ASN B 215 9.70 10.85 -0.85
N ARG B 216 10.12 11.65 -1.85
CA ARG B 216 9.35 12.84 -2.27
C ARG B 216 8.20 12.51 -3.22
N GLY B 217 8.44 11.62 -4.17
CA GLY B 217 7.46 11.34 -5.22
C GLY B 217 6.28 10.54 -4.67
N MET B 218 6.55 9.83 -3.61
CA MET B 218 5.52 9.12 -2.89
C MET B 218 4.51 10.08 -2.27
N GLN B 219 4.88 11.34 -1.99
CA GLN B 219 3.95 12.29 -1.38
C GLN B 219 2.94 12.89 -2.34
N CYS B 220 3.12 12.70 -3.64
CA CYS B 220 2.27 13.40 -4.59
C CYS B 220 1.69 12.57 -5.72
N ASP B 221 0.83 13.19 -6.52
CA ASP B 221 0.30 12.57 -7.71
C ASP B 221 1.41 12.03 -8.61
N ILE B 222 1.05 10.98 -9.34
CA ILE B 222 1.99 10.21 -10.17
C ILE B 222 2.67 11.04 -11.30
N ASP B 223 1.95 11.96 -11.95
CA ASP B 223 2.59 12.83 -12.99
C ASP B 223 3.67 13.75 -12.44
N THR B 224 3.39 14.49 -11.37
CA THR B 224 4.47 15.27 -10.74
C THR B 224 5.53 14.40 -10.09
N ALA B 225 5.16 13.20 -9.64
CA ALA B 225 6.16 12.28 -9.08
C ALA B 225 7.12 11.81 -10.14
N LEU B 226 6.59 11.47 -11.31
CA LEU B 226 7.42 10.98 -12.41
C LEU B 226 8.32 12.09 -12.97
N ALA B 227 7.80 13.31 -13.06
CA ALA B 227 8.65 14.45 -13.41
C ALA B 227 9.77 14.60 -12.39
N PHE B 228 9.41 14.49 -11.11
CA PHE B 228 10.45 14.58 -10.10
C PHE B 228 11.61 13.61 -10.43
N GLU B 229 11.30 12.34 -10.66
CA GLU B 229 12.31 11.36 -11.05
C GLU B 229 13.24 11.81 -12.21
N SER B 230 12.70 12.32 -13.30
CA SER B 230 13.55 12.65 -14.45
C SER B 230 14.51 13.78 -14.12
N GLU B 231 14.05 14.78 -13.38
CA GLU B 231 15.01 15.76 -12.86
C GLU B 231 16.16 15.10 -12.12
N ALA B 232 15.86 14.10 -11.30
CA ALA B 232 16.95 13.55 -10.50
C ALA B 232 17.81 12.64 -11.36
N PHE B 233 17.14 11.95 -12.28
CA PHE B 233 17.79 11.09 -13.26
C PHE B 233 18.78 11.94 -14.08
N GLY B 234 18.34 13.07 -14.59
CA GLY B 234 19.29 14.01 -15.22
C GLY B 234 20.57 14.27 -14.41
N GLU B 235 20.40 14.72 -13.17
CA GLU B 235 21.54 14.99 -12.34
C GLU B 235 22.61 13.90 -12.38
N CYS B 236 22.20 12.64 -12.45
CA CYS B 236 23.16 11.51 -12.42
C CYS B 236 24.16 11.54 -13.59
N PHE B 237 23.73 12.02 -14.74
CA PHE B 237 24.59 12.00 -15.93
C PHE B 237 25.65 13.09 -15.88
N SER B 238 25.80 13.75 -14.72
CA SER B 238 26.79 14.77 -14.57
C SER B 238 27.93 14.26 -13.72
N THR B 239 27.90 12.96 -13.39
CA THR B 239 28.87 12.40 -12.45
C THR B 239 29.85 11.43 -13.10
N GLU B 240 31.03 11.28 -12.48
CA GLU B 240 32.05 10.31 -12.93
C GLU B 240 31.48 8.91 -12.86
N ASP B 241 30.92 8.59 -11.69
CA ASP B 241 30.40 7.27 -11.41
C ASP B 241 29.41 6.85 -12.47
N GLN B 242 28.62 7.76 -13.03
CA GLN B 242 27.71 7.36 -14.11
C GLN B 242 28.52 6.90 -15.34
N LYS B 243 29.39 7.75 -15.89
CA LYS B 243 30.17 7.34 -17.08
C LYS B 243 31.04 6.11 -16.86
N ASP B 244 31.81 6.09 -15.77
CA ASP B 244 32.68 4.95 -15.45
C ASP B 244 31.90 3.63 -15.39
N ALA B 245 30.76 3.61 -14.72
CA ALA B 245 30.00 2.38 -14.49
C ALA B 245 29.27 1.87 -15.75
N MET B 246 28.76 2.79 -16.52
CA MET B 246 28.18 2.38 -17.77
C MET B 246 29.27 1.91 -18.73
N THR B 247 30.47 2.47 -18.58
CA THR B 247 31.58 2.08 -19.43
C THR B 247 32.01 0.67 -19.09
N ALA B 248 32.41 0.46 -17.84
CA ALA B 248 32.81 -0.84 -17.33
C ALA B 248 31.71 -1.92 -17.46
N PHE B 249 30.44 -1.52 -17.47
CA PHE B 249 29.34 -2.45 -17.78
C PHE B 249 29.55 -3.00 -19.20
N ILE B 250 29.91 -2.12 -20.12
CA ILE B 250 30.12 -2.50 -21.54
C ILE B 250 31.52 -3.13 -21.78
N GLU B 251 32.37 -3.17 -20.75
CA GLU B 251 33.45 -4.17 -20.70
C GLU B 251 32.87 -5.58 -20.48
N LYS B 252 31.56 -5.71 -20.75
CA LYS B 252 30.80 -6.96 -20.72
C LYS B 252 31.36 -8.02 -21.65
N ARG B 253 31.90 -7.59 -22.79
CA ARG B 253 32.43 -8.51 -23.81
C ARG B 253 33.86 -9.01 -23.45
N LYS B 254 34.04 -9.49 -22.20
CA LYS B 254 35.36 -9.85 -21.65
C LYS B 254 35.24 -10.43 -20.24
N MET C 1 -37.05 5.32 14.17
CA MET C 1 -37.33 4.40 13.02
C MET C 1 -37.33 2.95 13.55
N GLU C 2 -38.37 2.21 13.12
CA GLU C 2 -38.46 0.75 13.27
C GLU C 2 -37.64 0.10 12.13
N LEU C 3 -36.71 -0.80 12.46
CA LEU C 3 -35.83 -1.36 11.44
C LEU C 3 -36.35 -2.70 10.94
N ASN C 4 -36.46 -2.86 9.61
CA ASN C 4 -36.76 -4.16 8.99
C ASN C 4 -35.57 -4.99 8.47
N ASN C 5 -34.47 -4.35 8.06
CA ASN C 5 -33.37 -5.07 7.42
C ASN C 5 -32.08 -5.04 8.20
N VAL C 6 -32.10 -4.34 9.33
CA VAL C 6 -30.92 -4.17 10.13
C VAL C 6 -31.29 -4.39 11.57
N ILE C 7 -30.44 -5.13 12.24
CA ILE C 7 -30.58 -5.42 13.63
C ILE C 7 -29.43 -4.70 14.36
N LEU C 8 -29.79 -3.93 15.39
CA LEU C 8 -28.86 -3.16 16.19
C LEU C 8 -28.97 -3.62 17.62
N GLU C 9 -27.83 -3.93 18.23
CA GLU C 9 -27.73 -4.46 19.59
C GLU C 9 -26.50 -3.87 20.32
N LYS C 10 -26.50 -3.98 21.64
CA LYS C 10 -25.40 -3.52 22.46
C LYS C 10 -25.05 -4.61 23.43
N GLU C 11 -23.81 -5.06 23.38
CA GLU C 11 -23.29 -6.00 24.34
C GLU C 11 -22.10 -5.25 24.89
N GLY C 12 -22.05 -5.06 26.21
CA GLY C 12 -21.05 -4.21 26.88
C GLY C 12 -21.07 -2.81 26.25
N LYS C 13 -19.89 -2.33 25.93
CA LYS C 13 -19.73 -1.08 25.21
C LYS C 13 -19.54 -1.28 23.68
N VAL C 14 -19.93 -2.45 23.16
CA VAL C 14 -19.88 -2.68 21.71
C VAL C 14 -21.23 -2.83 21.03
N ALA C 15 -21.44 -2.02 19.99
CA ALA C 15 -22.62 -2.16 19.13
C ALA C 15 -22.42 -3.24 18.07
N VAL C 16 -23.42 -4.09 17.92
CA VAL C 16 -23.37 -5.16 16.94
C VAL C 16 -24.49 -4.80 16.00
N VAL C 17 -24.13 -4.67 14.72
CA VAL C 17 -25.03 -4.28 13.66
C VAL C 17 -25.11 -5.40 12.61
N THR C 18 -26.31 -5.88 12.35
CA THR C 18 -26.43 -7.04 11.55
C THR C 18 -27.39 -6.79 10.41
N ILE C 19 -26.93 -7.04 9.18
CA ILE C 19 -27.75 -6.88 8.00
C ILE C 19 -28.39 -8.22 7.75
N ASN C 20 -29.71 -8.18 7.59
CA ASN C 20 -30.53 -9.37 7.68
C ASN C 20 -31.65 -9.26 6.70
N ARG C 21 -31.53 -9.94 5.56
CA ARG C 21 -32.64 -10.05 4.61
C ARG C 21 -32.58 -11.45 4.06
N PRO C 22 -33.25 -12.37 4.74
CA PRO C 22 -33.08 -13.77 4.36
C PRO C 22 -33.63 -14.08 2.99
N LYS C 23 -34.57 -13.28 2.50
CA LYS C 23 -35.06 -13.50 1.15
C LYS C 23 -34.02 -13.14 0.10
N ALA C 24 -33.07 -12.28 0.45
CA ALA C 24 -32.17 -11.65 -0.55
C ALA C 24 -30.70 -11.75 -0.21
N LEU C 25 -30.34 -12.72 0.63
CA LEU C 25 -28.94 -12.92 1.06
C LEU C 25 -28.31 -11.63 1.57
N ASN C 26 -29.08 -10.90 2.38
CA ASN C 26 -28.70 -9.64 3.01
C ASN C 26 -28.20 -8.57 2.00
N ALA C 27 -28.71 -8.60 0.79
CA ALA C 27 -28.33 -7.63 -0.22
C ALA C 27 -28.81 -6.24 0.22
N LEU C 28 -28.02 -5.22 -0.10
CA LEU C 28 -28.42 -3.85 0.15
C LEU C 28 -29.57 -3.46 -0.75
N ASN C 29 -30.31 -2.46 -0.31
CA ASN C 29 -31.19 -1.73 -1.16
C ASN C 29 -31.37 -0.35 -0.56
N SER C 30 -32.22 0.48 -1.14
CA SER C 30 -32.37 1.85 -0.64
C SER C 30 -32.74 1.81 0.83
N ASP C 31 -33.81 1.07 1.14
CA ASP C 31 -34.36 0.98 2.48
C ASP C 31 -33.26 0.62 3.47
N THR C 32 -32.50 -0.39 3.10
CA THR C 32 -31.44 -0.91 3.95
C THR C 32 -30.37 0.17 4.18
N LEU C 33 -30.02 0.93 3.14
CA LEU C 33 -29.10 2.05 3.25
C LEU C 33 -29.62 3.14 4.23
N LYS C 34 -30.90 3.46 4.14
CA LYS C 34 -31.47 4.47 5.01
C LYS C 34 -31.49 3.96 6.46
N GLU C 35 -31.79 2.70 6.65
CA GLU C 35 -31.70 2.11 7.98
C GLU C 35 -30.27 2.10 8.54
N MET C 36 -29.32 1.79 7.69
CA MET C 36 -27.94 1.82 8.10
C MET C 36 -27.53 3.25 8.48
N ASP C 37 -28.02 4.23 7.73
CA ASP C 37 -27.70 5.64 8.00
C ASP C 37 -28.19 5.98 9.38
N TYR C 38 -29.43 5.59 9.63
CA TYR C 38 -30.07 5.83 10.90
C TYR C 38 -29.27 5.22 12.05
N VAL C 39 -28.85 3.95 11.91
CA VAL C 39 -28.13 3.35 13.02
C VAL C 39 -26.74 3.90 13.14
N ILE C 40 -26.11 4.33 12.07
CA ILE C 40 -24.81 4.95 12.28
C ILE C 40 -25.05 6.20 13.12
N GLY C 41 -26.16 6.88 12.85
CA GLY C 41 -26.55 8.05 13.61
C GLY C 41 -26.75 7.76 15.08
N GLU C 42 -27.49 6.69 15.37
CA GLU C 42 -27.71 6.27 16.76
C GLU C 42 -26.43 5.97 17.46
N ILE C 43 -25.52 5.33 16.78
CA ILE C 43 -24.23 5.00 17.34
C ILE C 43 -23.35 6.23 17.58
N GLU C 44 -23.46 7.21 16.69
CA GLU C 44 -22.81 8.53 16.88
C GLU C 44 -23.24 9.14 18.22
N ASN C 45 -24.54 9.13 18.47
CA ASN C 45 -25.08 9.83 19.63
C ASN C 45 -24.85 9.09 20.97
N ASP C 46 -24.53 7.81 20.91
CA ASP C 46 -24.47 6.95 22.06
C ASP C 46 -23.09 6.93 22.64
N SER C 47 -22.90 7.70 23.69
CA SER C 47 -21.63 7.76 24.37
C SER C 47 -21.27 6.46 25.07
N GLU C 48 -22.26 5.58 25.25
CA GLU C 48 -21.98 4.20 25.73
C GLU C 48 -21.53 3.21 24.63
N VAL C 49 -21.37 3.64 23.37
CA VAL C 49 -20.83 2.73 22.36
C VAL C 49 -19.41 3.15 22.02
N LEU C 50 -18.45 2.27 22.27
CA LEU C 50 -17.03 2.54 22.07
C LEU C 50 -16.37 1.73 20.90
N ALA C 51 -17.16 0.86 20.23
CA ALA C 51 -16.65 0.00 19.14
C ALA C 51 -17.82 -0.67 18.46
N VAL C 52 -17.64 -1.09 17.22
CA VAL C 52 -18.78 -1.61 16.44
C VAL C 52 -18.37 -2.85 15.71
N ILE C 53 -19.22 -3.87 15.70
CA ILE C 53 -19.02 -5.02 14.85
C ILE C 53 -20.13 -4.98 13.85
N LEU C 54 -19.77 -5.04 12.57
CA LEU C 54 -20.76 -5.09 11.47
C LEU C 54 -20.77 -6.47 10.88
N THR C 55 -21.94 -7.08 10.83
CA THR C 55 -22.00 -8.42 10.30
C THR C 55 -23.29 -8.69 9.53
N GLY C 56 -23.38 -9.90 8.95
CA GLY C 56 -24.58 -10.37 8.22
C GLY C 56 -25.23 -11.59 8.89
N ALA C 57 -26.55 -11.64 8.88
CA ALA C 57 -27.30 -12.77 9.40
C ALA C 57 -27.07 -14.00 8.55
N GLY C 58 -27.05 -15.14 9.19
CA GLY C 58 -27.03 -16.40 8.44
C GLY C 58 -25.65 -16.93 8.25
N GLU C 59 -25.51 -17.98 7.46
CA GLU C 59 -24.26 -18.73 7.32
C GLU C 59 -23.69 -18.64 5.91
N LYS C 60 -24.50 -18.17 4.97
CA LYS C 60 -24.11 -18.11 3.59
C LYS C 60 -23.51 -16.74 3.27
N SER C 61 -24.07 -15.69 3.88
CA SER C 61 -23.90 -14.34 3.40
C SER C 61 -23.62 -13.28 4.43
N PHE C 62 -22.69 -12.39 4.06
CA PHE C 62 -22.46 -11.10 4.72
C PHE C 62 -23.44 -10.16 4.05
N VAL C 63 -23.04 -9.58 2.95
CA VAL C 63 -23.96 -8.81 2.15
C VAL C 63 -23.70 -9.20 0.73
N ALA C 64 -24.70 -9.74 0.08
CA ALA C 64 -24.52 -10.20 -1.26
C ALA C 64 -25.08 -9.19 -2.21
N GLY C 65 -24.25 -8.31 -2.69
CA GLY C 65 -24.67 -7.30 -3.64
C GLY C 65 -25.70 -6.31 -3.20
N ALA C 66 -26.46 -5.86 -4.19
CA ALA C 66 -27.41 -4.78 -4.08
C ALA C 66 -28.58 -5.01 -5.04
N ASP C 67 -29.80 -4.62 -4.63
CA ASP C 67 -31.04 -4.83 -5.40
C ASP C 67 -30.87 -4.21 -6.78
N ILE C 68 -30.87 -5.05 -7.81
CA ILE C 68 -30.66 -4.55 -9.17
C ILE C 68 -31.94 -3.93 -9.75
N SER C 69 -33.10 -4.34 -9.26
CA SER C 69 -34.40 -3.79 -9.76
C SER C 69 -34.52 -2.31 -9.57
N GLU C 70 -34.04 -1.84 -8.43
CA GLU C 70 -34.05 -0.40 -8.09
C GLU C 70 -33.20 0.43 -9.06
N MET C 71 -32.19 -0.20 -9.66
CA MET C 71 -31.17 0.47 -10.44
C MET C 71 -31.41 0.47 -11.94
N LYS C 72 -31.98 -0.63 -12.46
CA LYS C 72 -32.12 -0.86 -13.91
C LYS C 72 -32.68 0.33 -14.71
N GLU C 73 -33.74 0.96 -14.19
CA GLU C 73 -34.42 2.11 -14.84
C GLU C 73 -33.79 3.52 -14.70
N MET C 74 -32.67 3.61 -13.98
CA MET C 74 -32.07 4.92 -13.73
C MET C 74 -31.36 5.52 -14.96
N ASN C 75 -31.53 6.83 -15.12
CA ASN C 75 -30.74 7.58 -16.11
C ASN C 75 -29.40 8.02 -15.48
N THR C 76 -28.59 8.75 -16.25
CA THR C 76 -27.26 9.13 -15.80
C THR C 76 -27.30 9.99 -14.54
N ILE C 77 -28.14 11.01 -14.53
CA ILE C 77 -28.25 11.92 -13.37
C ILE C 77 -28.82 11.22 -12.12
N GLU C 78 -29.63 10.20 -12.30
CA GLU C 78 -30.17 9.44 -11.16
C GLU C 78 -29.15 8.45 -10.61
N GLY C 79 -28.37 7.85 -11.51
CA GLY C 79 -27.34 6.92 -11.10
C GLY C 79 -26.25 7.59 -10.27
N ARG C 80 -25.83 8.74 -10.77
CA ARG C 80 -24.89 9.65 -10.11
C ARG C 80 -25.31 9.84 -8.66
N LYS C 81 -26.55 10.31 -8.51
CA LYS C 81 -27.16 10.59 -7.22
C LYS C 81 -27.15 9.36 -6.30
N PHE C 82 -27.53 8.22 -6.87
CA PHE C 82 -27.57 6.96 -6.16
C PHE C 82 -26.20 6.56 -5.67
N GLY C 83 -25.19 6.71 -6.52
CA GLY C 83 -23.78 6.49 -6.11
C GLY C 83 -23.33 7.42 -4.98
N ILE C 84 -23.84 8.66 -5.01
CA ILE C 84 -23.48 9.68 -4.03
C ILE C 84 -24.12 9.33 -2.70
N LEU C 85 -25.38 8.98 -2.71
CA LEU C 85 -26.04 8.66 -1.44
C LEU C 85 -25.42 7.42 -0.77
N GLY C 86 -25.08 6.41 -1.56
CA GLY C 86 -24.53 5.21 -0.96
C GLY C 86 -23.19 5.52 -0.35
N ASN C 87 -22.35 6.23 -1.12
CA ASN C 87 -21.02 6.60 -0.67
C ASN C 87 -21.05 7.43 0.62
N LYS C 88 -22.01 8.32 0.71
CA LYS C 88 -22.20 9.12 1.88
C LYS C 88 -22.36 8.22 3.14
N VAL C 89 -23.26 7.26 3.08
CA VAL C 89 -23.49 6.37 4.21
C VAL C 89 -22.20 5.68 4.62
N PHE C 90 -21.47 5.22 3.62
CA PHE C 90 -20.28 4.44 3.84
C PHE C 90 -19.11 5.30 4.35
N ARG C 91 -18.95 6.46 3.79
CA ARG C 91 -18.02 7.47 4.30
C ARG C 91 -18.33 7.79 5.74
N ARG C 92 -19.61 7.98 6.01
CA ARG C 92 -20.01 8.32 7.36
C ARG C 92 -19.57 7.23 8.35
N LEU C 93 -19.72 5.97 7.94
CA LEU C 93 -19.27 4.78 8.71
C LEU C 93 -17.76 4.77 8.83
N GLU C 94 -17.09 5.12 7.71
CA GLU C 94 -15.64 5.13 7.71
C GLU C 94 -15.12 6.10 8.74
N LEU C 95 -15.82 7.22 8.90
CA LEU C 95 -15.33 8.32 9.74
C LEU C 95 -15.81 8.30 11.18
N LEU C 96 -16.81 7.44 11.48
CA LEU C 96 -17.35 7.24 12.82
C LEU C 96 -16.23 7.23 13.83
N GLU C 97 -16.36 8.05 14.86
CA GLU C 97 -15.34 8.12 15.91
C GLU C 97 -15.25 6.89 16.85
N LYS C 98 -16.05 5.84 16.58
CA LYS C 98 -15.87 4.53 17.22
C LYS C 98 -15.28 3.61 16.15
N PRO C 99 -14.30 2.80 16.51
CA PRO C 99 -13.82 1.87 15.50
C PRO C 99 -14.86 0.85 15.06
N VAL C 100 -14.77 0.42 13.80
CA VAL C 100 -15.69 -0.56 13.21
C VAL C 100 -15.02 -1.80 12.63
N ILE C 101 -15.50 -2.96 13.09
CA ILE C 101 -14.96 -4.24 12.68
C ILE C 101 -15.97 -4.93 11.79
N ALA C 102 -15.59 -5.21 10.53
CA ALA C 102 -16.43 -6.06 9.67
C ALA C 102 -16.11 -7.49 9.96
N ALA C 103 -17.11 -8.19 10.44
CA ALA C 103 -16.92 -9.62 10.64
C ALA C 103 -17.57 -10.26 9.44
N VAL C 104 -16.73 -10.65 8.49
CA VAL C 104 -17.23 -11.12 7.19
C VAL C 104 -17.36 -12.63 7.24
N ASN C 105 -18.62 -13.02 7.18
CA ASN C 105 -19.10 -14.33 7.59
C ASN C 105 -19.58 -15.12 6.39
N GLY C 106 -19.54 -14.51 5.19
CA GLY C 106 -20.03 -15.18 3.99
C GLY C 106 -19.70 -14.43 2.72
N PHE C 107 -20.63 -14.41 1.77
CA PHE C 107 -20.47 -13.58 0.57
C PHE C 107 -20.40 -12.09 0.94
N ALA C 108 -19.40 -11.40 0.43
CA ALA C 108 -19.34 -9.93 0.48
C ALA C 108 -19.06 -9.42 -0.96
N LEU C 109 -20.09 -9.07 -1.69
CA LEU C 109 -19.94 -8.80 -3.11
C LEU C 109 -20.58 -7.49 -3.47
N GLY C 110 -19.93 -6.75 -4.37
CA GLY C 110 -20.47 -5.49 -4.81
C GLY C 110 -20.56 -4.55 -3.61
N GLY C 111 -21.72 -3.95 -3.47
CA GLY C 111 -22.02 -3.15 -2.31
C GLY C 111 -21.56 -3.79 -1.02
N GLY C 112 -21.63 -5.12 -0.96
CA GLY C 112 -21.25 -5.85 0.22
C GLY C 112 -19.78 -5.78 0.49
N CYS C 113 -19.00 -5.97 -0.56
CA CYS C 113 -17.55 -5.75 -0.45
C CYS C 113 -17.24 -4.29 -0.06
N GLU C 114 -18.05 -3.39 -0.59
CA GLU C 114 -17.78 -1.99 -0.43
C GLU C 114 -18.01 -1.56 1.03
N ILE C 115 -19.14 -2.00 1.62
CA ILE C 115 -19.48 -1.64 3.01
C ILE C 115 -18.46 -2.21 3.98
N ALA C 116 -18.00 -3.42 3.70
CA ALA C 116 -16.97 -4.05 4.46
C ALA C 116 -15.66 -3.26 4.42
N MET C 117 -15.33 -2.73 3.25
CA MET C 117 -14.06 -1.99 3.05
C MET C 117 -14.08 -0.65 3.76
N SER C 118 -15.30 -0.16 4.01
CA SER C 118 -15.53 1.08 4.68
C SER C 118 -15.42 1.02 6.18
N CYS C 119 -15.23 -0.20 6.70
CA CYS C 119 -14.92 -0.41 8.08
C CYS C 119 -13.41 -0.28 8.28
N ASP C 120 -13.03 -0.19 9.55
CA ASP C 120 -11.66 0.05 9.95
C ASP C 120 -10.86 -1.22 9.86
N ILE C 121 -11.53 -2.32 10.20
CA ILE C 121 -10.92 -3.63 10.33
C ILE C 121 -11.84 -4.73 9.76
N ARG C 122 -11.26 -5.62 8.97
CA ARG C 122 -12.00 -6.73 8.35
C ARG C 122 -11.36 -8.03 8.83
N ILE C 123 -12.22 -8.88 9.37
CA ILE C 123 -11.88 -10.17 9.83
C ILE C 123 -12.86 -11.07 9.04
N ALA C 124 -12.48 -12.30 8.71
CA ALA C 124 -13.35 -13.17 7.93
C ALA C 124 -13.42 -14.63 8.40
N SER C 125 -14.59 -15.24 8.22
CA SER C 125 -14.74 -16.71 8.35
C SER C 125 -14.24 -17.39 7.08
N SER C 126 -13.69 -18.60 7.21
CA SER C 126 -12.99 -19.32 6.09
C SER C 126 -13.85 -19.56 4.81
N ASN C 127 -15.17 -19.50 4.93
CA ASN C 127 -16.07 -19.66 3.78
C ASN C 127 -16.37 -18.37 3.10
N ALA C 128 -15.78 -17.28 3.58
CA ALA C 128 -16.10 -15.96 3.02
C ALA C 128 -15.51 -15.77 1.65
N ARG C 129 -16.22 -15.01 0.83
CA ARG C 129 -15.68 -14.58 -0.44
C ARG C 129 -15.90 -13.11 -0.63
N PHE C 130 -15.02 -12.51 -1.42
CA PHE C 130 -15.07 -11.10 -1.77
C PHE C 130 -14.99 -10.92 -3.29
N GLY C 131 -15.84 -10.03 -3.82
CA GLY C 131 -15.74 -9.64 -5.22
C GLY C 131 -16.51 -8.41 -5.66
N GLN C 132 -16.17 -7.90 -6.85
CA GLN C 132 -16.88 -6.79 -7.43
C GLN C 132 -17.35 -7.16 -8.84
N PRO C 133 -18.63 -7.51 -8.93
CA PRO C 133 -19.21 -8.00 -10.17
C PRO C 133 -19.82 -6.90 -11.01
N GLU C 134 -19.59 -5.66 -10.62
CA GLU C 134 -20.40 -4.60 -11.19
C GLU C 134 -20.20 -4.45 -12.71
N VAL C 135 -19.02 -4.79 -13.17
CA VAL C 135 -18.62 -4.55 -14.53
C VAL C 135 -19.28 -5.58 -15.48
N GLY C 136 -19.74 -6.69 -14.92
CA GLY C 136 -20.58 -7.62 -15.68
C GLY C 136 -22.00 -7.09 -15.79
N LEU C 137 -22.34 -6.10 -14.96
CA LEU C 137 -23.70 -5.55 -14.97
C LEU C 137 -23.76 -4.24 -15.71
N GLY C 138 -22.69 -3.89 -16.39
CA GLY C 138 -22.68 -2.64 -17.18
C GLY C 138 -22.33 -1.35 -16.43
N ILE C 139 -21.93 -1.51 -15.15
CA ILE C 139 -21.64 -0.39 -14.26
C ILE C 139 -20.29 -0.52 -13.58
N THR C 140 -19.76 0.60 -13.07
CA THR C 140 -18.56 0.54 -12.23
C THR C 140 -19.04 0.22 -10.87
N PRO C 141 -18.14 -0.23 -9.98
CA PRO C 141 -18.44 -0.13 -8.54
C PRO C 141 -18.93 1.28 -8.21
N GLY C 142 -20.06 1.40 -7.54
CA GLY C 142 -20.67 2.69 -7.26
C GLY C 142 -20.76 3.11 -5.80
N PHE C 143 -20.33 2.26 -4.87
CA PHE C 143 -20.28 2.63 -3.43
C PHE C 143 -18.84 2.68 -2.91
N GLY C 144 -17.95 3.26 -3.72
CA GLY C 144 -16.55 3.45 -3.31
C GLY C 144 -15.57 2.37 -3.69
N GLY C 145 -16.03 1.37 -4.42
CA GLY C 145 -15.17 0.25 -4.77
C GLY C 145 -13.96 0.63 -5.57
N THR C 146 -14.12 1.51 -6.54
CA THR C 146 -12.96 1.92 -7.37
C THR C 146 -11.85 2.64 -6.57
N GLN C 147 -12.18 3.03 -5.35
CA GLN C 147 -11.31 3.82 -4.54
C GLN C 147 -10.77 3.06 -3.38
N ARG C 148 -11.60 2.29 -2.68
CA ARG C 148 -11.19 1.63 -1.42
C ARG C 148 -10.39 0.32 -1.62
N LEU C 149 -10.74 -0.45 -2.64
CA LEU C 149 -10.06 -1.73 -2.85
C LEU C 149 -8.59 -1.53 -3.18
N SER C 150 -8.38 -0.63 -4.13
CA SER C 150 -7.06 -0.15 -4.53
C SER C 150 -6.17 0.21 -3.36
N ARG C 151 -6.75 1.02 -2.47
CA ARG C 151 -6.03 1.49 -1.28
C ARG C 151 -5.75 0.37 -0.29
N LEU C 152 -6.57 -0.66 -0.29
CA LEU C 152 -6.46 -1.67 0.73
C LEU C 152 -5.62 -2.81 0.23
N VAL C 153 -5.72 -3.15 -1.05
CA VAL C 153 -4.95 -4.32 -1.55
C VAL C 153 -3.91 -4.01 -2.65
N GLY C 154 -3.81 -2.76 -3.04
CA GLY C 154 -2.95 -2.37 -4.11
C GLY C 154 -3.70 -2.26 -5.44
N MET C 155 -3.05 -1.62 -6.42
CA MET C 155 -3.60 -1.44 -7.73
C MET C 155 -3.72 -2.74 -8.58
N GLY C 156 -2.70 -3.61 -8.50
CA GLY C 156 -2.69 -4.90 -9.26
C GLY C 156 -3.90 -5.78 -8.98
N MET C 157 -4.07 -6.17 -7.71
CA MET C 157 -5.22 -6.99 -7.36
C MET C 157 -6.54 -6.25 -7.56
N ALA C 158 -6.59 -5.00 -7.17
CA ALA C 158 -7.85 -4.28 -7.32
C ALA C 158 -8.32 -4.26 -8.76
N LYS C 159 -7.37 -4.01 -9.66
CA LYS C 159 -7.68 -3.88 -11.10
C LYS C 159 -8.08 -5.23 -11.67
N GLN C 160 -7.32 -6.26 -11.31
CA GLN C 160 -7.73 -7.64 -11.63
C GLN C 160 -9.16 -7.97 -11.23
N LEU C 161 -9.52 -7.67 -9.99
CA LEU C 161 -10.87 -7.99 -9.49
C LEU C 161 -11.98 -7.18 -10.12
N ILE C 162 -11.76 -5.88 -10.27
CA ILE C 162 -12.84 -5.03 -10.72
C ILE C 162 -13.07 -5.29 -12.22
N PHE C 163 -11.98 -5.53 -12.95
CA PHE C 163 -12.00 -5.78 -14.40
C PHE C 163 -12.54 -7.17 -14.80
N THR C 164 -12.07 -8.24 -14.16
CA THR C 164 -12.62 -9.59 -14.35
C THR C 164 -13.98 -9.81 -13.71
N ALA C 165 -14.29 -9.11 -12.63
CA ALA C 165 -15.49 -9.36 -11.83
C ALA C 165 -15.48 -10.68 -11.10
N GLN C 166 -14.32 -11.20 -10.74
CA GLN C 166 -14.26 -12.55 -10.20
C GLN C 166 -14.04 -12.47 -8.71
N ASN C 167 -14.64 -13.42 -7.99
CA ASN C 167 -14.59 -13.52 -6.55
C ASN C 167 -13.28 -14.12 -6.16
N ILE C 168 -12.78 -13.71 -5.01
CA ILE C 168 -11.72 -14.45 -4.32
C ILE C 168 -12.20 -15.06 -3.00
N LYS C 169 -11.47 -16.07 -2.54
CA LYS C 169 -11.73 -16.68 -1.25
C LYS C 169 -10.95 -16.01 -0.14
N ALA C 170 -11.26 -16.40 1.09
CA ALA C 170 -10.74 -15.79 2.29
C ALA C 170 -9.25 -15.92 2.40
N ASP C 171 -8.71 -17.06 2.02
CA ASP C 171 -7.26 -17.24 2.16
C ASP C 171 -6.49 -16.23 1.28
N GLU C 172 -7.08 -15.91 0.14
CA GLU C 172 -6.54 -14.92 -0.79
C GLU C 172 -6.77 -13.49 -0.33
N ALA C 173 -7.98 -13.23 0.17
CA ALA C 173 -8.28 -11.99 0.89
C ALA C 173 -7.21 -11.69 1.97
N LEU C 174 -6.84 -12.73 2.70
CA LEU C 174 -5.84 -12.58 3.72
C LEU C 174 -4.48 -12.30 3.09
N ARG C 175 -4.16 -13.04 2.03
CA ARG C 175 -2.83 -12.93 1.43
C ARG C 175 -2.58 -11.47 0.93
N ILE C 176 -3.61 -10.87 0.33
CA ILE C 176 -3.48 -9.56 -0.26
C ILE C 176 -3.80 -8.45 0.77
N GLY C 177 -4.15 -8.82 2.00
CA GLY C 177 -4.33 -7.83 3.09
C GLY C 177 -5.72 -7.24 3.20
N LEU C 178 -6.63 -7.72 2.38
CA LEU C 178 -8.00 -7.28 2.44
C LEU C 178 -8.65 -7.54 3.83
N VAL C 179 -8.18 -8.58 4.51
CA VAL C 179 -8.60 -8.91 5.87
C VAL C 179 -7.36 -9.21 6.68
N ASN C 180 -7.47 -8.97 7.99
CA ASN C 180 -6.35 -9.17 8.93
C ASN C 180 -6.26 -10.59 9.40
N LYS C 181 -7.36 -11.31 9.30
CA LYS C 181 -7.41 -12.67 9.90
C LYS C 181 -8.53 -13.51 9.33
N VAL C 182 -8.34 -14.82 9.36
CA VAL C 182 -9.37 -15.76 8.93
C VAL C 182 -9.47 -16.87 9.94
N VAL C 183 -10.70 -17.23 10.29
CA VAL C 183 -10.93 -18.22 11.32
C VAL C 183 -12.18 -19.04 10.95
N GLU C 184 -12.44 -20.09 11.70
CA GLU C 184 -13.57 -20.97 11.37
C GLU C 184 -14.84 -20.18 11.55
N PRO C 185 -15.91 -20.55 10.82
CA PRO C 185 -17.20 -19.86 10.94
C PRO C 185 -17.72 -19.71 12.38
N SER C 186 -17.40 -20.64 13.25
CA SER C 186 -17.97 -20.63 14.58
C SER C 186 -17.05 -19.86 15.55
N GLU C 187 -15.90 -19.36 15.06
CA GLU C 187 -14.96 -18.60 15.84
C GLU C 187 -15.03 -17.11 15.45
N LEU C 188 -15.75 -16.79 14.39
CA LEU C 188 -15.75 -15.45 13.82
C LEU C 188 -16.26 -14.37 14.77
N MET C 189 -17.50 -14.47 15.22
CA MET C 189 -18.00 -13.48 16.17
C MET C 189 -17.20 -13.44 17.45
N ASN C 190 -16.74 -14.58 17.92
CA ASN C 190 -15.89 -14.57 19.10
C ASN C 190 -14.62 -13.75 18.90
N THR C 191 -13.99 -13.89 17.73
CA THR C 191 -12.71 -13.20 17.49
C THR C 191 -12.94 -11.70 17.32
N ALA C 192 -14.04 -11.37 16.66
CA ALA C 192 -14.50 -9.99 16.52
C ALA C 192 -14.76 -9.34 17.85
N LYS C 193 -15.48 -10.03 18.72
CA LYS C 193 -15.75 -9.51 20.07
C LYS C 193 -14.49 -9.35 20.86
N GLU C 194 -13.57 -10.30 20.73
CA GLU C 194 -12.28 -10.24 21.41
C GLU C 194 -11.48 -9.01 20.96
N ILE C 195 -11.51 -8.74 19.67
CA ILE C 195 -10.91 -7.51 19.13
C ILE C 195 -11.62 -6.27 19.69
N ALA C 196 -12.93 -6.22 19.51
CA ALA C 196 -13.75 -5.10 19.96
C ALA C 196 -13.58 -4.80 21.43
N ASN C 197 -13.48 -5.84 22.25
CA ASN C 197 -13.34 -5.66 23.69
C ASN C 197 -12.01 -5.13 24.06
N LYS C 198 -10.96 -5.55 23.34
CA LYS C 198 -9.62 -5.08 23.64
C LYS C 198 -9.54 -3.58 23.30
N ILE C 199 -10.19 -3.18 22.22
CA ILE C 199 -10.25 -1.78 21.80
C ILE C 199 -10.91 -0.93 22.91
N VAL C 200 -12.13 -1.33 23.22
CA VAL C 200 -12.96 -0.79 24.30
C VAL C 200 -12.29 -0.79 25.68
N SER C 201 -11.34 -1.69 25.91
CA SER C 201 -10.64 -1.65 27.19
C SER C 201 -9.63 -0.50 27.23
N ASN C 202 -9.38 0.13 26.08
CA ASN C 202 -8.37 1.17 25.97
C ASN C 202 -8.94 2.56 26.17
N ALA C 203 -8.07 3.57 26.25
CA ALA C 203 -8.52 4.95 26.48
C ALA C 203 -9.30 5.47 25.28
N PRO C 204 -10.58 5.79 25.46
CA PRO C 204 -11.43 6.07 24.33
C PRO C 204 -11.09 7.34 23.52
N VAL C 205 -10.63 8.41 24.17
CA VAL C 205 -10.25 9.63 23.47
C VAL C 205 -9.05 9.31 22.63
N ALA C 206 -8.16 8.49 23.16
CA ALA C 206 -6.95 8.11 22.44
C ALA C 206 -7.26 7.27 21.17
N VAL C 207 -8.18 6.34 21.30
CA VAL C 207 -8.62 5.54 20.21
C VAL C 207 -9.30 6.41 19.16
N LYS C 208 -10.18 7.28 19.63
CA LYS C 208 -10.93 8.19 18.78
C LYS C 208 -9.96 9.09 18.01
N LEU C 209 -8.98 9.64 18.68
CA LEU C 209 -8.07 10.56 18.01
C LEU C 209 -7.03 9.83 17.12
N SER C 210 -6.69 8.60 17.49
CA SER C 210 -5.86 7.79 16.64
C SER C 210 -6.61 7.49 15.35
N LYS C 211 -7.88 7.14 15.46
CA LYS C 211 -8.63 6.93 14.23
C LYS C 211 -8.68 8.19 13.34
N GLN C 212 -8.97 9.35 13.88
CA GLN C 212 -8.99 10.53 13.08
C GLN C 212 -7.63 10.71 12.42
N ALA C 213 -6.57 10.65 13.20
CA ALA C 213 -5.26 10.91 12.65
C ALA C 213 -4.94 10.02 11.45
N ILE C 214 -5.30 8.75 11.62
CA ILE C 214 -5.06 7.76 10.59
C ILE C 214 -5.92 8.08 9.39
N ASN C 215 -7.22 8.23 9.57
CA ASN C 215 -8.05 8.57 8.44
C ASN C 215 -7.57 9.79 7.68
N ARG C 216 -7.24 10.86 8.41
CA ARG C 216 -7.02 12.13 7.80
C ARG C 216 -5.60 12.27 7.27
N GLY C 217 -4.62 11.88 8.08
CA GLY C 217 -3.22 11.95 7.68
C GLY C 217 -2.86 11.11 6.47
N MET C 218 -3.61 10.05 6.27
CA MET C 218 -3.35 9.20 5.15
C MET C 218 -3.71 9.90 3.85
N GLN C 219 -4.55 10.91 3.89
CA GLN C 219 -4.89 11.67 2.71
C GLN C 219 -3.83 12.65 2.21
N CYS C 220 -2.79 12.95 3.00
CA CYS C 220 -1.92 14.06 2.67
C CYS C 220 -0.48 13.72 2.75
N ASP C 221 0.36 14.65 2.38
CA ASP C 221 1.80 14.46 2.49
C ASP C 221 2.20 14.19 3.91
N ILE C 222 3.29 13.45 4.02
CA ILE C 222 3.77 12.98 5.30
C ILE C 222 4.01 14.17 6.26
N ASP C 223 4.57 15.29 5.77
CA ASP C 223 4.90 16.36 6.70
C ASP C 223 3.65 16.93 7.32
N THR C 224 2.64 17.26 6.51
CA THR C 224 1.43 17.72 7.17
C THR C 224 0.75 16.64 7.99
N ALA C 225 0.92 15.37 7.62
CA ALA C 225 0.29 14.28 8.35
C ALA C 225 0.84 14.21 9.76
N LEU C 226 2.17 14.20 9.84
CA LEU C 226 2.87 14.14 11.08
C LEU C 226 2.46 15.34 11.92
N ALA C 227 2.27 16.51 11.31
CA ALA C 227 1.85 17.66 12.11
C ALA C 227 0.43 17.44 12.68
N PHE C 228 -0.45 16.77 11.94
CA PHE C 228 -1.82 16.53 12.40
C PHE C 228 -1.75 15.65 13.64
N GLU C 229 -0.89 14.63 13.59
CA GLU C 229 -0.70 13.74 14.69
C GLU C 229 -0.39 14.49 15.97
N SER C 230 0.55 15.43 15.89
CA SER C 230 0.98 16.12 17.10
C SER C 230 -0.12 16.98 17.71
N GLU C 231 -1.04 17.49 16.90
CA GLU C 231 -2.14 18.24 17.48
C GLU C 231 -3.09 17.34 18.25
N ALA C 232 -3.33 16.15 17.69
CA ALA C 232 -4.11 15.11 18.32
C ALA C 232 -3.44 14.49 19.54
N PHE C 233 -2.16 14.21 19.44
CA PHE C 233 -1.38 13.76 20.57
C PHE C 233 -1.55 14.74 21.76
N GLY C 234 -1.26 16.01 21.52
CA GLY C 234 -1.45 17.02 22.51
C GLY C 234 -2.83 17.07 23.14
N GLU C 235 -3.88 16.89 22.35
CA GLU C 235 -5.21 16.95 22.96
C GLU C 235 -5.38 15.88 24.05
N CYS C 236 -4.63 14.80 23.94
CA CYS C 236 -4.79 13.67 24.84
C CYS C 236 -4.33 14.04 26.24
N PHE C 237 -3.36 14.94 26.30
CA PHE C 237 -2.84 15.39 27.57
C PHE C 237 -3.80 16.33 28.31
N SER C 238 -4.95 16.61 27.73
CA SER C 238 -6.00 17.33 28.43
C SER C 238 -6.89 16.38 29.23
N THR C 239 -6.65 15.08 29.14
CA THR C 239 -7.56 14.06 29.70
C THR C 239 -7.01 13.39 30.97
N GLU C 240 -7.93 13.07 31.87
CA GLU C 240 -7.67 12.19 33.03
C GLU C 240 -7.13 10.84 32.61
N ASP C 241 -7.77 10.21 31.62
CA ASP C 241 -7.35 8.87 31.25
C ASP C 241 -5.86 8.87 31.01
N GLN C 242 -5.32 9.93 30.43
CA GLN C 242 -3.87 9.96 30.17
C GLN C 242 -3.03 10.05 31.44
N LYS C 243 -3.37 11.03 32.26
CA LYS C 243 -2.82 11.20 33.61
C LYS C 243 -2.94 9.91 34.41
N ASP C 244 -4.14 9.36 34.45
CA ASP C 244 -4.40 8.11 35.19
C ASP C 244 -3.73 6.86 34.65
N ALA C 245 -3.77 6.66 33.34
CA ALA C 245 -3.17 5.45 32.76
C ALA C 245 -1.66 5.50 32.92
N MET C 246 -1.08 6.67 32.75
CA MET C 246 0.37 6.81 32.91
C MET C 246 0.79 6.60 34.38
N THR C 247 0.10 7.28 35.30
CA THR C 247 0.36 7.10 36.72
C THR C 247 0.31 5.61 37.04
N ALA C 248 -0.85 5.00 36.80
CA ALA C 248 -1.01 3.56 36.95
C ALA C 248 0.16 2.79 36.37
N PHE C 249 0.61 3.13 35.17
CA PHE C 249 1.62 2.32 34.50
C PHE C 249 2.99 2.49 35.13
N ILE C 250 3.30 3.69 35.57
CA ILE C 250 4.56 3.93 36.24
C ILE C 250 4.58 3.17 37.57
N GLU C 251 3.50 3.25 38.34
CA GLU C 251 3.41 2.52 39.61
C GLU C 251 3.50 0.99 39.38
N LYS C 252 2.60 0.44 38.58
CA LYS C 252 2.59 -1.00 38.23
C LYS C 252 3.89 -1.50 37.60
N ARG C 253 4.46 -0.74 36.66
CA ARG C 253 5.80 -1.03 36.07
C ARG C 253 6.83 -1.29 37.17
N LYS C 254 6.69 -0.61 38.31
CA LYS C 254 7.43 -0.91 39.55
C LYS C 254 8.82 -0.30 39.49
#